data_2C73
#
_entry.id   2C73
#
_cell.length_a   140.007
_cell.length_b   222.308
_cell.length_c   86.611
_cell.angle_alpha   90.00
_cell.angle_beta   90.00
_cell.angle_gamma   90.00
#
_symmetry.space_group_name_H-M   'C 2 2 2'
#
loop_
_entity.id
_entity.type
_entity.pdbx_description
1 polymer 'AMINE OXIDASE (FLAVIN-CONTAINING) B'
2 non-polymer 'FLAVIN-ADENINE DINUCLEOTIDE'
3 non-polymer N-PROPARGYL-1(S)-AMINOINDAN
4 water water
#
_entity_poly.entity_id   1
_entity_poly.type   'polypeptide(L)'
_entity_poly.pdbx_seq_one_letter_code
;MSNKCDVVVVGGGISGMAAAKLLHDSGLNVVVLEARDRVGGRTYTLRNQKVKYVDLGGSYVGPTQNRILRLAKELGLETY
KVNEVERLIHHVKGKSYPFRGPFPPVWNPITYLDHNNFWRTMDDMGREIPSDAPWKAPLAEEWDNMTMKELLDKLCWTES
AKQLATLFVNLCVTAETHEVSALWFLWYVKQCGGTTRIISTTNGGQERKFVGGSGQVSERIMDLLGDRVKLERPVIYIDQ
TRENVLVETLNHEMYEAKYVISAIPPTLGMKIHFNPPLPMMRNQMITRVPLGSVIKCIVYYKEPFWRKKDYCGTMIIDGE
EAPVAYTLDDTKPEGNYAAIMGFILAHKARKLARLTKEERLKKLCELYAKVLGSLEALEPVHYEEKNWCEEQYSGGCYTT
YFPPGILTQYGRVLRQPVDRIYFAGTETATHWSGFMEGAVEAGERAAREILHAMGKIPEDEIWQSEPESVDVPAQPITTT
FLERHLPSVPGLLRLIGLTTIFSATALGFLAHKRGLLVRV
;
_entity_poly.pdbx_strand_id   A,B
#
loop_
_chem_comp.id
_chem_comp.type
_chem_comp.name
_chem_comp.formula
FAD non-polymer 'FLAVIN-ADENINE DINUCLEOTIDE' 'C27 H33 N9 O15 P2'
RSA non-polymer N-PROPARGYL-1(S)-AMINOINDAN 'C12 H13 N'
#
# COMPACT_ATOMS: atom_id res chain seq x y z
N ASN A 3 -24.14 -25.56 6.61
CA ASN A 3 -22.91 -26.41 6.59
C ASN A 3 -22.44 -26.66 5.16
N LYS A 4 -23.26 -27.30 4.33
CA LYS A 4 -22.80 -27.67 2.97
C LYS A 4 -23.57 -27.00 1.84
N CYS A 5 -22.87 -26.72 0.74
CA CYS A 5 -23.44 -26.10 -0.46
C CYS A 5 -22.44 -26.22 -1.63
N ASP A 6 -22.83 -25.69 -2.79
CA ASP A 6 -21.95 -25.65 -3.94
C ASP A 6 -20.87 -24.54 -3.86
N VAL A 7 -21.33 -23.29 -3.68
CA VAL A 7 -20.46 -22.09 -3.67
C VAL A 7 -20.66 -21.20 -2.41
N VAL A 8 -19.56 -20.98 -1.66
CA VAL A 8 -19.57 -19.91 -0.66
C VAL A 8 -19.14 -18.61 -1.33
N VAL A 9 -19.85 -17.53 -1.05
CA VAL A 9 -19.54 -16.20 -1.59
C VAL A 9 -19.15 -15.32 -0.40
N VAL A 10 -17.92 -14.89 -0.33
CA VAL A 10 -17.54 -14.00 0.76
C VAL A 10 -17.93 -12.54 0.42
N GLY A 11 -18.81 -11.93 1.22
CA GLY A 11 -19.20 -10.53 1.03
C GLY A 11 -20.51 -10.39 0.30
N GLY A 12 -21.45 -9.63 0.87
CA GLY A 12 -22.76 -9.36 0.20
C GLY A 12 -22.95 -7.92 -0.24
N GLY A 13 -21.94 -7.36 -0.93
CA GLY A 13 -22.02 -6.08 -1.60
C GLY A 13 -22.64 -6.36 -2.94
N ILE A 14 -22.83 -5.33 -3.78
CA ILE A 14 -23.44 -5.56 -5.09
C ILE A 14 -22.82 -6.74 -5.85
N SER A 15 -21.48 -6.91 -5.70
CA SER A 15 -20.76 -7.93 -6.46
C SER A 15 -21.07 -9.34 -5.99
N GLY A 16 -20.98 -9.55 -4.67
CA GLY A 16 -21.38 -10.82 -4.05
C GLY A 16 -22.83 -11.16 -4.36
N MET A 17 -23.73 -10.21 -4.17
CA MET A 17 -25.15 -10.42 -4.37
C MET A 17 -25.53 -10.82 -5.81
N ALA A 18 -24.92 -10.14 -6.80
CA ALA A 18 -25.06 -10.44 -8.25
C ALA A 18 -24.48 -11.81 -8.65
N ALA A 19 -23.38 -12.18 -7.98
CA ALA A 19 -22.75 -13.48 -8.14
C ALA A 19 -23.68 -14.53 -7.60
N ALA A 20 -24.19 -14.32 -6.39
CA ALA A 20 -25.06 -15.27 -5.69
C ALA A 20 -26.30 -15.50 -6.54
N LYS A 21 -26.89 -14.42 -7.03
CA LYS A 21 -28.11 -14.48 -7.81
C LYS A 21 -27.96 -15.33 -9.08
N LEU A 22 -26.86 -15.14 -9.79
CA LEU A 22 -26.62 -15.87 -11.04
C LEU A 22 -26.41 -17.36 -10.79
N LEU A 23 -25.79 -17.69 -9.65
CA LEU A 23 -25.50 -19.07 -9.33
C LEU A 23 -26.82 -19.74 -8.90
N HIS A 24 -27.51 -19.10 -7.95
CA HIS A 24 -28.81 -19.53 -7.49
C HIS A 24 -29.88 -19.62 -8.60
N ASP A 25 -29.83 -18.74 -9.60
CA ASP A 25 -30.71 -18.85 -10.75
C ASP A 25 -30.36 -20.01 -11.68
N SER A 26 -29.23 -20.67 -11.43
CA SER A 26 -28.86 -21.87 -12.20
C SER A 26 -29.09 -23.15 -11.37
N GLY A 27 -29.87 -23.00 -10.30
CA GLY A 27 -30.13 -24.09 -9.37
C GLY A 27 -28.96 -24.54 -8.50
N LEU A 28 -27.91 -23.74 -8.39
CA LEU A 28 -26.82 -24.07 -7.45
C LEU A 28 -27.13 -23.59 -6.06
N ASN A 29 -26.54 -24.27 -5.06
CA ASN A 29 -26.73 -23.93 -3.67
C ASN A 29 -25.61 -23.01 -3.19
N VAL A 30 -25.99 -21.77 -2.92
CA VAL A 30 -25.04 -20.74 -2.56
C VAL A 30 -25.31 -20.29 -1.14
N VAL A 31 -24.25 -19.85 -0.49
CA VAL A 31 -24.31 -19.18 0.81
C VAL A 31 -23.47 -17.88 0.70
N VAL A 32 -24.06 -16.75 1.10
CA VAL A 32 -23.37 -15.46 1.18
C VAL A 32 -22.91 -15.18 2.63
N LEU A 33 -21.60 -15.09 2.83
CA LEU A 33 -21.08 -14.78 4.13
C LEU A 33 -20.69 -13.31 4.19
N GLU A 34 -21.57 -12.52 4.82
CA GLU A 34 -21.41 -11.09 4.99
C GLU A 34 -21.03 -10.73 6.41
N ALA A 35 -19.97 -9.90 6.59
CA ALA A 35 -19.35 -9.60 7.90
C ALA A 35 -20.14 -8.64 8.77
N ARG A 36 -20.79 -7.70 8.12
CA ARG A 36 -21.63 -6.69 8.75
C ARG A 36 -23.08 -7.16 9.00
N ASP A 37 -23.80 -6.41 9.84
CA ASP A 37 -25.21 -6.66 10.12
C ASP A 37 -26.15 -6.11 9.07
N ARG A 38 -25.62 -5.90 7.86
CA ARG A 38 -26.41 -5.36 6.72
C ARG A 38 -25.77 -5.77 5.42
N VAL A 39 -26.54 -5.73 4.34
CA VAL A 39 -25.99 -5.97 3.01
C VAL A 39 -25.82 -4.65 2.29
N GLY A 40 -25.15 -4.65 1.14
CA GLY A 40 -24.86 -3.41 0.42
C GLY A 40 -23.42 -2.87 0.47
N GLY A 41 -22.58 -3.34 1.41
CA GLY A 41 -21.23 -2.77 1.63
C GLY A 41 -21.01 -1.27 1.38
N ARG A 42 -20.31 -0.95 0.31
CA ARG A 42 -20.01 0.46 -0.03
C ARG A 42 -21.24 1.24 -0.54
N THR A 43 -22.35 0.54 -0.84
CA THR A 43 -23.67 1.21 -0.94
C THR A 43 -24.34 1.11 0.41
N TYR A 44 -25.01 2.17 0.82
CA TYR A 44 -25.67 2.16 2.12
C TYR A 44 -26.73 3.24 2.21
N THR A 45 -27.99 2.85 2.03
CA THR A 45 -29.11 3.80 2.10
C THR A 45 -29.64 3.95 3.53
N LEU A 46 -29.60 5.17 4.03
CA LEU A 46 -30.07 5.41 5.39
C LEU A 46 -31.55 5.84 5.33
N ARG A 47 -32.35 5.35 6.28
CA ARG A 47 -33.77 5.77 6.33
C ARG A 47 -34.15 6.42 7.65
N ASN A 48 -34.71 7.62 7.60
CA ASN A 48 -35.36 8.19 8.79
C ASN A 48 -36.35 9.25 8.36
N GLN A 49 -37.06 9.83 9.33
CA GLN A 49 -38.15 10.77 9.09
C GLN A 49 -37.66 11.96 8.34
N LYS A 50 -36.50 12.47 8.81
CA LYS A 50 -35.92 13.73 8.38
C LYS A 50 -35.57 13.69 6.90
N VAL A 51 -34.97 12.57 6.47
CA VAL A 51 -34.41 12.48 5.12
C VAL A 51 -35.27 11.63 4.19
N LYS A 52 -36.16 10.84 4.80
CA LYS A 52 -36.95 9.79 4.14
C LYS A 52 -35.98 8.66 3.90
N TYR A 53 -35.24 8.76 2.79
CA TYR A 53 -34.02 7.98 2.57
C TYR A 53 -32.83 8.87 2.08
N VAL A 54 -31.60 8.35 2.19
CA VAL A 54 -30.44 9.02 1.58
C VAL A 54 -29.32 8.00 1.30
N ASP A 55 -28.79 8.00 0.10
CA ASP A 55 -27.62 7.16 -0.18
C ASP A 55 -26.38 7.83 0.47
N LEU A 56 -25.71 7.11 1.34
CA LEU A 56 -24.48 7.57 2.03
C LEU A 56 -23.18 6.95 1.47
N GLY A 57 -23.34 5.91 0.65
CA GLY A 57 -22.30 5.34 -0.16
C GLY A 57 -22.57 5.50 -1.65
N GLY A 58 -22.14 4.56 -2.47
CA GLY A 58 -22.47 4.64 -3.87
C GLY A 58 -23.93 4.99 -4.11
N SER A 59 -24.21 5.63 -5.26
CA SER A 59 -25.50 6.29 -5.49
C SER A 59 -25.78 6.57 -6.98
N TYR A 60 -24.75 7.03 -7.71
CA TYR A 60 -24.95 7.48 -9.09
C TYR A 60 -24.75 6.39 -10.11
N VAL A 61 -25.55 6.46 -11.17
CA VAL A 61 -25.45 5.55 -12.30
C VAL A 61 -25.77 6.43 -13.50
N GLY A 62 -25.43 5.97 -14.71
CA GLY A 62 -25.76 6.72 -15.90
C GLY A 62 -25.58 5.91 -17.16
N PRO A 63 -25.57 6.57 -18.34
CA PRO A 63 -25.27 5.95 -19.62
C PRO A 63 -24.00 5.10 -19.67
N THR A 64 -24.13 3.99 -20.38
CA THR A 64 -23.15 2.94 -20.63
C THR A 64 -22.95 2.00 -19.45
N GLN A 65 -23.71 2.21 -18.39
CA GLN A 65 -23.67 1.34 -17.24
C GLN A 65 -24.87 0.36 -17.27
N ASN A 66 -24.87 -0.53 -18.25
CA ASN A 66 -26.08 -1.32 -18.58
C ASN A 66 -26.41 -2.49 -17.65
N ARG A 67 -25.38 -3.00 -16.97
CA ARG A 67 -25.52 -4.15 -16.08
C ARG A 67 -26.28 -3.84 -14.78
N ILE A 68 -25.77 -2.87 -14.01
CA ILE A 68 -26.53 -2.31 -12.88
C ILE A 68 -27.94 -1.81 -13.28
N LEU A 69 -28.06 -1.22 -14.45
CA LEU A 69 -29.32 -0.70 -14.90
C LEU A 69 -30.31 -1.86 -15.05
N ARG A 70 -29.90 -2.92 -15.78
CA ARG A 70 -30.67 -4.16 -15.98
C ARG A 70 -30.98 -4.90 -14.67
N LEU A 71 -29.95 -5.09 -13.82
CA LEU A 71 -30.10 -5.83 -12.58
C LEU A 71 -31.15 -5.16 -11.73
N ALA A 72 -30.98 -3.85 -11.51
CA ALA A 72 -31.87 -3.08 -10.65
C ALA A 72 -33.30 -3.08 -11.21
N LYS A 73 -33.42 -2.98 -12.53
CA LYS A 73 -34.75 -2.99 -13.20
C LYS A 73 -35.49 -4.31 -12.95
N GLU A 74 -34.86 -5.43 -13.29
CA GLU A 74 -35.34 -6.74 -12.86
C GLU A 74 -35.79 -6.81 -11.39
N LEU A 75 -35.07 -6.14 -10.47
CA LEU A 75 -35.49 -6.13 -9.05
C LEU A 75 -36.64 -5.17 -8.78
N GLY A 76 -37.12 -4.50 -9.83
CA GLY A 76 -38.29 -3.62 -9.75
C GLY A 76 -38.00 -2.19 -9.33
N LEU A 77 -36.73 -1.77 -9.54
CA LEU A 77 -36.26 -0.44 -9.14
C LEU A 77 -36.31 0.54 -10.32
N GLU A 78 -36.42 1.82 -10.00
CA GLU A 78 -36.51 2.87 -10.99
C GLU A 78 -35.47 3.94 -10.78
N THR A 79 -35.12 4.64 -11.86
CA THR A 79 -34.17 5.79 -11.77
C THR A 79 -34.85 7.11 -12.03
N TYR A 80 -34.26 8.18 -11.51
CA TYR A 80 -34.62 9.55 -11.89
C TYR A 80 -33.34 10.37 -12.15
N LYS A 81 -33.50 11.47 -12.88
CA LYS A 81 -32.38 12.29 -13.28
C LYS A 81 -32.02 13.17 -12.13
N VAL A 82 -30.73 13.24 -11.81
CA VAL A 82 -30.17 14.24 -10.90
C VAL A 82 -30.48 15.63 -11.49
N ASN A 83 -30.83 16.62 -10.66
CA ASN A 83 -31.13 17.98 -11.19
C ASN A 83 -29.93 18.70 -11.79
N GLU A 84 -29.98 18.94 -13.11
CA GLU A 84 -28.97 19.69 -13.87
C GLU A 84 -29.61 20.69 -14.89
N VAL A 85 -30.81 21.19 -14.58
CA VAL A 85 -31.59 22.07 -15.45
C VAL A 85 -31.05 23.49 -15.57
N GLU A 86 -30.74 24.08 -14.42
CA GLU A 86 -30.12 25.42 -14.28
C GLU A 86 -28.59 25.39 -14.33
N ARG A 87 -27.96 26.52 -14.05
CA ARG A 87 -26.49 26.67 -14.26
C ARG A 87 -25.63 25.94 -13.23
N LEU A 88 -24.54 25.34 -13.69
CA LEU A 88 -23.48 24.84 -12.80
C LEU A 88 -22.53 26.01 -12.37
N ILE A 89 -21.76 25.83 -11.30
CA ILE A 89 -20.83 26.87 -10.85
C ILE A 89 -19.41 26.32 -10.77
N HIS A 90 -18.48 27.05 -11.36
CA HIS A 90 -17.06 26.86 -11.09
C HIS A 90 -16.55 28.00 -10.22
N HIS A 91 -16.19 27.65 -8.98
CA HIS A 91 -15.62 28.58 -8.01
C HIS A 91 -14.10 28.46 -8.00
N VAL A 92 -13.45 29.49 -8.49
CA VAL A 92 -12.00 29.51 -8.54
C VAL A 92 -11.46 30.89 -8.04
N LYS A 93 -10.39 30.85 -7.25
CA LYS A 93 -9.78 32.03 -6.64
C LYS A 93 -10.83 32.93 -5.99
N GLY A 94 -11.80 32.30 -5.33
CA GLY A 94 -12.77 33.02 -4.53
C GLY A 94 -13.96 33.60 -5.24
N LYS A 95 -14.17 33.35 -6.54
CA LYS A 95 -15.33 33.92 -7.26
C LYS A 95 -16.14 32.80 -7.90
N SER A 96 -17.44 33.00 -8.13
CA SER A 96 -18.21 31.97 -8.81
C SER A 96 -18.51 32.33 -10.26
N TYR A 97 -18.33 31.36 -11.15
CA TYR A 97 -18.44 31.58 -12.57
C TYR A 97 -19.45 30.58 -13.11
N PRO A 98 -20.75 30.98 -13.21
CA PRO A 98 -21.78 30.05 -13.64
C PRO A 98 -21.64 29.65 -15.10
N PHE A 99 -22.01 28.41 -15.43
CA PHE A 99 -21.97 27.91 -16.80
C PHE A 99 -22.96 26.75 -17.03
N ARG A 100 -22.96 26.26 -18.26
CA ARG A 100 -23.89 25.26 -18.72
C ARG A 100 -23.05 24.28 -19.53
N GLY A 101 -23.43 23.01 -19.54
CA GLY A 101 -22.69 22.04 -20.34
C GLY A 101 -21.50 21.58 -19.53
N PRO A 102 -21.17 20.28 -19.59
CA PRO A 102 -20.44 19.60 -18.51
C PRO A 102 -18.99 20.10 -18.22
N PHE A 103 -18.39 20.85 -19.14
CA PHE A 103 -17.05 21.42 -18.92
C PHE A 103 -17.10 22.92 -18.62
N PRO A 104 -16.38 23.36 -17.56
CA PRO A 104 -16.31 24.80 -17.28
C PRO A 104 -15.55 25.43 -18.42
N PRO A 105 -16.12 26.47 -19.06
CA PRO A 105 -15.39 27.06 -20.19
C PRO A 105 -14.14 27.85 -19.78
N VAL A 106 -13.21 28.03 -20.71
CA VAL A 106 -12.00 28.82 -20.45
C VAL A 106 -11.68 29.76 -21.65
N TRP A 107 -11.59 31.06 -21.34
CA TRP A 107 -11.55 32.10 -22.39
C TRP A 107 -10.16 32.47 -22.89
N ASN A 108 -9.25 32.70 -21.94
CA ASN A 108 -7.86 32.97 -22.27
C ASN A 108 -7.29 32.01 -23.31
N PRO A 109 -6.85 32.51 -24.48
CA PRO A 109 -6.44 31.52 -25.49
C PRO A 109 -5.23 30.65 -25.11
N ILE A 110 -4.27 31.14 -24.32
CA ILE A 110 -3.16 30.26 -23.93
C ILE A 110 -3.64 29.17 -22.97
N THR A 111 -4.38 29.57 -21.94
CA THR A 111 -5.01 28.65 -21.01
C THR A 111 -5.91 27.66 -21.71
N TYR A 112 -6.67 28.15 -22.69
CA TYR A 112 -7.61 27.30 -23.39
C TYR A 112 -6.89 26.15 -24.11
N LEU A 113 -5.70 26.47 -24.62
CA LEU A 113 -4.87 25.51 -25.38
C LEU A 113 -4.31 24.43 -24.48
N ASP A 114 -4.01 24.80 -23.24
CA ASP A 114 -3.40 23.92 -22.25
C ASP A 114 -4.45 22.94 -21.67
N HIS A 115 -5.64 23.47 -21.37
CA HIS A 115 -6.80 22.69 -20.94
C HIS A 115 -7.23 21.71 -22.04
N ASN A 116 -7.39 22.23 -23.26
CA ASN A 116 -7.77 21.38 -24.36
C ASN A 116 -6.82 20.18 -24.52
N ASN A 117 -5.52 20.48 -24.62
CA ASN A 117 -4.48 19.48 -24.80
C ASN A 117 -4.32 18.51 -23.62
N PHE A 118 -4.56 18.97 -22.39
CA PHE A 118 -4.54 18.08 -21.23
C PHE A 118 -5.56 16.94 -21.32
N TRP A 119 -6.85 17.25 -21.46
CA TRP A 119 -7.87 16.21 -21.51
C TRP A 119 -7.71 15.32 -22.71
N ARG A 120 -7.42 15.94 -23.84
CA ARG A 120 -7.16 15.21 -25.06
C ARG A 120 -5.99 14.22 -24.89
N THR A 121 -4.92 14.63 -24.22
CA THR A 121 -3.78 13.76 -23.96
C THR A 121 -4.12 12.66 -22.98
N MET A 122 -4.88 12.96 -21.93
CA MET A 122 -5.44 11.91 -21.07
C MET A 122 -5.99 10.80 -21.90
N ASP A 123 -6.91 11.13 -22.82
CA ASP A 123 -7.59 10.15 -23.67
C ASP A 123 -6.70 9.48 -24.73
N ASP A 124 -5.71 10.22 -25.23
CA ASP A 124 -4.76 9.69 -26.21
C ASP A 124 -3.93 8.57 -25.60
N MET A 125 -3.44 8.86 -24.40
CA MET A 125 -2.67 7.86 -23.64
C MET A 125 -3.54 6.66 -23.28
N GLY A 126 -4.82 6.92 -22.99
CA GLY A 126 -5.81 5.85 -22.73
C GLY A 126 -5.86 4.75 -23.77
N ARG A 127 -5.85 5.16 -25.03
CA ARG A 127 -6.05 4.28 -26.18
C ARG A 127 -4.93 3.27 -26.35
N GLU A 128 -3.78 3.52 -25.72
CA GLU A 128 -2.65 2.64 -25.75
C GLU A 128 -2.69 1.57 -24.63
N ILE A 129 -3.62 1.77 -23.70
CA ILE A 129 -3.78 0.92 -22.50
C ILE A 129 -5.01 0.01 -22.67
N PRO A 130 -4.76 -1.32 -22.77
CA PRO A 130 -5.83 -2.32 -22.77
C PRO A 130 -6.63 -2.34 -21.46
N SER A 131 -7.94 -2.41 -21.60
CA SER A 131 -8.88 -2.35 -20.50
C SER A 131 -8.78 -3.55 -19.62
N ASP A 132 -8.41 -4.66 -20.23
CA ASP A 132 -8.39 -5.93 -19.54
C ASP A 132 -6.98 -6.38 -19.17
N ALA A 133 -5.97 -5.59 -19.53
CA ALA A 133 -4.58 -5.92 -19.21
C ALA A 133 -3.71 -4.68 -19.38
N PRO A 134 -3.89 -3.70 -18.49
CA PRO A 134 -3.24 -2.43 -18.71
C PRO A 134 -1.71 -2.51 -18.59
N TRP A 135 -1.18 -3.55 -17.95
CA TRP A 135 0.29 -3.76 -17.82
C TRP A 135 0.89 -4.04 -19.21
N LYS A 136 0.03 -4.09 -20.22
CA LYS A 136 0.48 -4.43 -21.57
C LYS A 136 0.55 -3.26 -22.52
N ALA A 137 0.22 -2.07 -22.03
CA ALA A 137 0.46 -0.82 -22.75
C ALA A 137 1.89 -0.88 -23.20
N PRO A 138 2.16 -0.34 -24.41
CA PRO A 138 3.54 -0.22 -24.87
C PRO A 138 4.53 0.44 -23.87
N LEU A 139 4.10 1.50 -23.17
CA LEU A 139 4.98 2.32 -22.32
C LEU A 139 4.56 2.14 -20.89
N ALA A 140 3.92 0.99 -20.59
CA ALA A 140 3.46 0.62 -19.22
C ALA A 140 4.46 0.90 -18.06
N GLU A 141 5.69 0.43 -18.19
CA GLU A 141 6.65 0.66 -17.12
C GLU A 141 6.93 2.13 -16.92
N GLU A 142 7.24 2.87 -17.97
CA GLU A 142 7.42 4.29 -17.92
C GLU A 142 6.21 5.00 -17.27
N TRP A 143 4.99 4.64 -17.67
CA TRP A 143 3.79 5.29 -17.10
C TRP A 143 3.40 4.82 -15.72
N ASP A 144 3.81 3.59 -15.35
CA ASP A 144 3.48 3.06 -14.05
C ASP A 144 4.45 3.51 -12.95
N ASN A 145 5.68 3.89 -13.33
CA ASN A 145 6.77 4.32 -12.42
C ASN A 145 6.81 5.81 -12.09
N MET A 146 5.73 6.50 -12.41
CA MET A 146 5.66 7.91 -12.15
C MET A 146 4.28 8.16 -11.61
N THR A 147 4.17 9.17 -10.74
CA THR A 147 2.84 9.39 -10.09
C THR A 147 1.95 10.32 -10.98
N MET A 148 0.68 10.55 -10.63
CA MET A 148 -0.17 11.35 -11.55
C MET A 148 0.25 12.82 -11.51
N LYS A 149 1.10 13.17 -10.54
CA LYS A 149 1.50 14.55 -10.29
C LYS A 149 2.78 14.89 -11.06
N GLU A 150 3.67 13.91 -11.24
CA GLU A 150 4.73 14.03 -12.20
C GLU A 150 4.19 14.30 -13.56
N LEU A 151 3.12 13.61 -13.96
CA LEU A 151 2.60 13.74 -15.30
C LEU A 151 2.00 15.12 -15.50
N LEU A 152 1.30 15.62 -14.49
CA LEU A 152 0.63 16.93 -14.55
C LEU A 152 1.67 18.04 -14.60
N ASP A 153 2.73 17.94 -13.78
CA ASP A 153 3.85 18.89 -13.87
C ASP A 153 4.37 18.95 -15.30
N LYS A 154 4.45 17.79 -15.95
CA LYS A 154 5.00 17.72 -17.27
C LYS A 154 4.06 18.30 -18.33
N LEU A 155 2.77 18.03 -18.19
CA LEU A 155 1.83 18.24 -19.25
C LEU A 155 1.21 19.61 -19.22
N CYS A 156 0.96 20.14 -18.02
CA CYS A 156 0.19 21.36 -17.88
C CYS A 156 1.11 22.56 -17.89
N TRP A 157 0.97 23.44 -18.89
CA TRP A 157 1.82 24.61 -18.99
C TRP A 157 1.26 25.82 -18.25
N THR A 158 0.06 25.65 -17.67
CA THR A 158 -0.60 26.70 -16.87
C THR A 158 -1.07 26.20 -15.50
N GLU A 159 -1.01 27.05 -14.47
CA GLU A 159 -1.52 26.65 -13.14
C GLU A 159 -3.03 26.42 -13.15
N SER A 160 -3.72 27.18 -13.98
CA SER A 160 -5.13 27.04 -14.16
C SER A 160 -5.49 25.59 -14.46
N ALA A 161 -4.89 25.04 -15.52
CA ALA A 161 -5.13 23.67 -16.00
C ALA A 161 -4.68 22.59 -15.02
N LYS A 162 -3.54 22.83 -14.36
CA LYS A 162 -3.01 21.94 -13.37
C LYS A 162 -3.91 21.84 -12.13
N GLN A 163 -4.35 23.00 -11.63
CA GLN A 163 -5.31 23.05 -10.53
C GLN A 163 -6.64 22.29 -10.80
N LEU A 164 -7.18 22.37 -12.00
CA LEU A 164 -8.42 21.66 -12.33
C LEU A 164 -8.21 20.14 -12.50
N ALA A 165 -7.00 19.81 -12.92
CA ALA A 165 -6.67 18.46 -13.25
C ALA A 165 -6.44 17.72 -11.95
N THR A 166 -5.90 18.42 -10.95
CA THR A 166 -5.72 17.90 -9.60
C THR A 166 -7.07 17.58 -8.90
N LEU A 167 -8.00 18.51 -8.97
CA LEU A 167 -9.37 18.30 -8.49
C LEU A 167 -10.05 17.10 -9.16
N PHE A 168 -10.02 17.03 -10.49
CA PHE A 168 -10.46 15.87 -11.24
C PHE A 168 -9.94 14.52 -10.69
N VAL A 169 -8.63 14.46 -10.41
CA VAL A 169 -8.03 13.25 -9.90
C VAL A 169 -8.53 13.01 -8.49
N ASN A 170 -8.29 13.99 -7.57
CA ASN A 170 -8.88 13.98 -6.25
C ASN A 170 -10.44 13.49 -6.31
N LEU A 171 -11.20 14.03 -7.24
CA LEU A 171 -12.66 13.74 -7.34
C LEU A 171 -12.92 12.32 -7.76
N CYS A 172 -12.11 11.80 -8.69
CA CYS A 172 -12.32 10.45 -9.24
C CYS A 172 -11.86 9.32 -8.36
N VAL A 173 -10.70 9.53 -7.72
CA VAL A 173 -10.07 8.44 -7.02
C VAL A 173 -9.84 8.63 -5.55
N THR A 174 -10.36 9.74 -4.99
CA THR A 174 -10.28 10.09 -3.57
C THR A 174 -8.83 9.87 -3.02
N ALA A 175 -7.87 10.18 -3.89
CA ALA A 175 -6.40 10.21 -3.49
C ALA A 175 -5.70 11.41 -4.03
N GLU A 176 -4.51 11.79 -3.46
CA GLU A 176 -3.66 12.82 -4.05
C GLU A 176 -3.09 12.36 -5.35
N THR A 177 -2.77 13.29 -6.24
CA THR A 177 -2.03 13.00 -7.46
C THR A 177 -0.67 12.34 -7.20
N HIS A 178 0.00 12.70 -6.11
CA HIS A 178 1.31 12.16 -5.82
C HIS A 178 1.09 10.79 -5.17
N GLU A 179 -0.17 10.35 -4.92
CA GLU A 179 -0.30 9.01 -4.31
C GLU A 179 -0.43 7.88 -5.32
N VAL A 180 -0.72 8.19 -6.58
CA VAL A 180 -1.16 7.19 -7.51
C VAL A 180 -0.29 7.12 -8.70
N SER A 181 -0.26 5.93 -9.33
CA SER A 181 0.37 5.69 -10.63
C SER A 181 -0.31 6.40 -11.83
N ALA A 182 0.52 6.99 -12.71
CA ALA A 182 -0.01 7.62 -13.87
C ALA A 182 -0.73 6.56 -14.72
N LEU A 183 -0.09 5.39 -14.95
CA LEU A 183 -0.70 4.28 -15.66
C LEU A 183 -2.03 3.81 -15.06
N TRP A 184 -2.06 3.61 -13.74
CA TRP A 184 -3.32 3.16 -13.13
C TRP A 184 -4.44 4.15 -13.34
N PHE A 185 -4.16 5.42 -13.08
CA PHE A 185 -5.20 6.44 -13.28
C PHE A 185 -5.68 6.61 -14.72
N LEU A 186 -4.73 6.54 -15.66
CA LEU A 186 -5.08 6.64 -17.07
C LEU A 186 -5.96 5.47 -17.46
N TRP A 187 -5.67 4.30 -16.88
CA TRP A 187 -6.45 3.09 -17.11
C TRP A 187 -7.85 3.31 -16.58
N TYR A 188 -7.90 3.81 -15.36
CA TYR A 188 -9.14 3.98 -14.66
C TYR A 188 -10.16 4.79 -15.44
N VAL A 189 -9.69 5.91 -16.00
CA VAL A 189 -10.53 6.84 -16.76
C VAL A 189 -10.90 6.17 -18.06
N LYS A 190 -9.90 5.61 -18.71
CA LYS A 190 -10.09 4.92 -19.95
C LYS A 190 -11.15 3.83 -19.83
N GLN A 191 -11.15 3.06 -18.76
CA GLN A 191 -12.02 1.90 -18.67
C GLN A 191 -13.47 2.25 -18.31
N CYS A 192 -13.72 3.55 -18.14
CA CYS A 192 -15.02 4.13 -17.88
C CYS A 192 -15.51 4.88 -19.10
N GLY A 193 -14.83 4.72 -20.24
CA GLY A 193 -15.18 5.44 -21.43
C GLY A 193 -14.47 6.75 -21.76
N GLY A 194 -13.48 7.16 -20.96
CA GLY A 194 -12.77 8.41 -21.26
C GLY A 194 -13.24 9.60 -20.47
N THR A 195 -12.53 10.74 -20.61
CA THR A 195 -12.73 11.90 -19.73
C THR A 195 -14.16 12.48 -19.76
N THR A 196 -14.71 12.73 -20.95
CA THR A 196 -16.10 13.20 -21.09
C THR A 196 -17.07 12.28 -20.38
N ARG A 197 -17.11 11.02 -20.81
CA ARG A 197 -18.00 10.04 -20.24
C ARG A 197 -17.98 10.02 -18.71
N ILE A 198 -16.76 10.00 -18.12
CA ILE A 198 -16.64 9.91 -16.69
C ILE A 198 -17.19 11.20 -16.05
N ILE A 199 -16.77 12.38 -16.50
CA ILE A 199 -17.12 13.61 -15.75
C ILE A 199 -18.62 14.01 -15.80
N SER A 200 -19.26 13.83 -16.95
CA SER A 200 -20.65 14.29 -17.19
C SER A 200 -21.74 13.88 -16.15
N THR A 201 -22.63 14.83 -15.84
CA THR A 201 -23.93 14.51 -15.19
C THR A 201 -24.95 14.08 -16.23
N THR A 202 -25.37 15.00 -17.10
CA THR A 202 -26.14 14.62 -18.31
C THR A 202 -25.19 13.89 -19.28
N ASN A 203 -25.59 12.67 -19.65
CA ASN A 203 -24.81 11.81 -20.58
C ASN A 203 -23.48 11.21 -20.06
N GLY A 204 -23.25 11.26 -18.74
CA GLY A 204 -22.12 10.53 -18.13
C GLY A 204 -22.52 9.93 -16.80
N GLY A 205 -21.59 9.29 -16.13
CA GLY A 205 -21.92 8.50 -14.93
C GLY A 205 -22.73 9.13 -13.81
N GLN A 206 -22.83 10.46 -13.79
CA GLN A 206 -23.54 11.16 -12.67
C GLN A 206 -25.04 11.43 -12.98
N GLU A 207 -25.52 10.95 -14.12
CA GLU A 207 -26.85 11.31 -14.62
C GLU A 207 -27.98 11.02 -13.62
N ARG A 208 -27.96 9.85 -12.98
CA ARG A 208 -29.15 9.40 -12.28
C ARG A 208 -28.84 8.79 -10.93
N LYS A 209 -29.90 8.62 -10.16
CA LYS A 209 -29.90 7.82 -8.93
C LYS A 209 -31.11 6.89 -8.98
N PHE A 210 -31.14 5.93 -8.06
CA PHE A 210 -32.30 5.05 -7.87
C PHE A 210 -33.40 5.64 -6.96
N VAL A 211 -34.65 5.62 -7.44
CA VAL A 211 -35.78 6.00 -6.58
C VAL A 211 -35.75 5.08 -5.36
N GLY A 212 -35.63 5.68 -4.18
CA GLY A 212 -35.61 4.93 -2.93
C GLY A 212 -34.24 4.57 -2.35
N GLY A 213 -33.20 4.54 -3.19
CA GLY A 213 -31.83 4.25 -2.69
C GLY A 213 -31.14 3.08 -3.37
N SER A 214 -29.82 3.20 -3.59
CA SER A 214 -29.02 2.14 -4.24
C SER A 214 -28.93 0.85 -3.40
N GLY A 215 -29.11 0.99 -2.09
CA GLY A 215 -28.99 -0.12 -1.15
C GLY A 215 -30.11 -1.14 -1.35
N GLN A 216 -31.17 -0.71 -2.01
CA GLN A 216 -32.25 -1.63 -2.36
C GLN A 216 -31.78 -2.73 -3.33
N VAL A 217 -30.64 -2.54 -4.00
CA VAL A 217 -30.19 -3.56 -4.95
C VAL A 217 -29.77 -4.80 -4.13
N SER A 218 -28.94 -4.60 -3.12
CA SER A 218 -28.47 -5.71 -2.32
C SER A 218 -29.54 -6.28 -1.39
N GLU A 219 -30.42 -5.39 -0.94
CA GLU A 219 -31.47 -5.73 0.01
C GLU A 219 -32.50 -6.66 -0.65
N ARG A 220 -32.89 -6.31 -1.86
CA ARG A 220 -33.82 -7.11 -2.65
C ARG A 220 -33.25 -8.45 -3.07
N ILE A 221 -31.95 -8.48 -3.38
CA ILE A 221 -31.31 -9.77 -3.68
C ILE A 221 -31.33 -10.64 -2.43
N MET A 222 -30.96 -10.05 -1.28
CA MET A 222 -31.07 -10.75 -0.01
C MET A 222 -32.49 -11.25 0.19
N ASP A 223 -33.49 -10.43 -0.18
CA ASP A 223 -34.88 -10.88 -0.06
C ASP A 223 -35.07 -12.13 -0.92
N LEU A 224 -34.72 -12.05 -2.21
CA LEU A 224 -34.77 -13.20 -3.14
C LEU A 224 -34.07 -14.48 -2.71
N LEU A 225 -32.95 -14.34 -1.98
CA LEU A 225 -32.11 -15.47 -1.57
C LEU A 225 -32.54 -16.15 -0.27
N GLY A 226 -33.45 -15.51 0.49
CA GLY A 226 -33.87 -16.04 1.78
C GLY A 226 -32.73 -16.17 2.77
N ASP A 227 -32.66 -17.30 3.47
CA ASP A 227 -31.75 -17.43 4.61
C ASP A 227 -30.39 -18.03 4.21
N ARG A 228 -30.09 -17.92 2.92
CA ARG A 228 -28.77 -18.26 2.39
C ARG A 228 -27.76 -17.14 2.72
N VAL A 229 -28.28 -15.92 2.86
CA VAL A 229 -27.46 -14.79 3.22
C VAL A 229 -27.30 -14.75 4.73
N LYS A 230 -26.05 -14.86 5.18
CA LYS A 230 -25.73 -14.89 6.61
C LYS A 230 -25.00 -13.62 7.02
N LEU A 231 -25.68 -12.77 7.78
CA LEU A 231 -25.09 -11.52 8.30
C LEU A 231 -24.33 -11.76 9.59
N GLU A 232 -23.36 -10.88 9.85
CA GLU A 232 -22.44 -10.99 11.00
C GLU A 232 -21.62 -12.29 10.95
N ARG A 233 -21.26 -12.68 9.73
CA ARG A 233 -20.33 -13.76 9.51
C ARG A 233 -19.03 -13.34 8.80
N PRO A 234 -18.13 -12.62 9.52
CA PRO A 234 -16.86 -12.25 8.93
C PRO A 234 -16.03 -13.49 8.75
N VAL A 235 -15.66 -13.81 7.52
CA VAL A 235 -14.75 -14.91 7.23
C VAL A 235 -13.33 -14.66 7.78
N ILE A 236 -12.76 -15.68 8.43
CA ILE A 236 -11.45 -15.55 9.05
C ILE A 236 -10.47 -16.61 8.54
N TYR A 237 -11.01 -17.64 7.89
CA TYR A 237 -10.20 -18.78 7.51
C TYR A 237 -10.65 -19.44 6.24
N ILE A 238 -9.69 -19.77 5.39
CA ILE A 238 -9.99 -20.56 4.21
C ILE A 238 -9.00 -21.70 4.03
N ASP A 239 -9.54 -22.93 4.10
CA ASP A 239 -8.76 -24.16 3.96
C ASP A 239 -9.03 -24.89 2.65
N GLN A 240 -7.99 -25.04 1.81
CA GLN A 240 -8.12 -25.67 0.49
C GLN A 240 -7.28 -26.93 0.33
N THR A 241 -6.89 -27.53 1.46
CA THR A 241 -5.97 -28.69 1.47
C THR A 241 -6.68 -30.05 1.23
N ARG A 242 -7.99 -30.11 1.50
CA ARG A 242 -8.79 -31.31 1.40
C ARG A 242 -9.67 -31.32 0.14
N GLU A 243 -10.60 -32.28 0.11
CA GLU A 243 -11.46 -32.56 -1.05
C GLU A 243 -12.40 -31.38 -1.35
N ASN A 244 -12.99 -30.83 -0.30
CA ASN A 244 -13.83 -29.63 -0.37
C ASN A 244 -13.13 -28.42 0.28
N VAL A 245 -13.49 -27.21 -0.18
CA VAL A 245 -13.04 -25.97 0.45
C VAL A 245 -13.80 -25.74 1.76
N LEU A 246 -13.02 -25.42 2.80
CA LEU A 246 -13.53 -25.09 4.12
C LEU A 246 -13.32 -23.61 4.49
N VAL A 247 -14.45 -22.97 4.83
CA VAL A 247 -14.54 -21.56 5.21
C VAL A 247 -14.99 -21.46 6.66
N GLU A 248 -14.20 -20.80 7.49
CA GLU A 248 -14.59 -20.55 8.87
C GLU A 248 -14.86 -19.06 9.09
N THR A 249 -15.93 -18.77 9.82
CA THR A 249 -16.30 -17.41 10.16
C THR A 249 -15.93 -17.09 11.62
N LEU A 250 -16.05 -15.83 12.01
CA LEU A 250 -15.43 -15.36 13.24
C LEU A 250 -16.16 -15.96 14.42
N ASN A 251 -17.47 -16.13 14.25
CA ASN A 251 -18.34 -16.72 15.28
C ASN A 251 -18.17 -18.22 15.48
N HIS A 252 -17.41 -18.86 14.58
CA HIS A 252 -16.92 -20.23 14.75
C HIS A 252 -17.68 -21.20 13.86
N GLU A 253 -18.62 -20.69 13.06
CA GLU A 253 -19.32 -21.50 12.06
C GLU A 253 -18.39 -21.95 10.95
N MET A 254 -18.78 -23.00 10.24
CA MET A 254 -17.91 -23.65 9.28
C MET A 254 -18.74 -24.06 8.09
N TYR A 255 -18.25 -23.72 6.90
CA TYR A 255 -19.00 -23.96 5.68
C TYR A 255 -18.15 -24.80 4.76
N GLU A 256 -18.80 -25.64 3.95
CA GLU A 256 -18.09 -26.45 2.95
C GLU A 256 -18.69 -26.23 1.58
N ALA A 257 -17.82 -25.94 0.62
CA ALA A 257 -18.27 -25.76 -0.76
C ALA A 257 -17.31 -26.41 -1.73
N LYS A 258 -17.68 -26.45 -3.01
CA LYS A 258 -16.79 -26.93 -4.06
C LYS A 258 -15.87 -25.78 -4.50
N TYR A 259 -16.38 -24.55 -4.36
CA TYR A 259 -15.71 -23.32 -4.82
C TYR A 259 -16.06 -22.16 -3.89
N VAL A 260 -15.20 -21.15 -3.91
CA VAL A 260 -15.44 -19.89 -3.18
C VAL A 260 -15.31 -18.69 -4.11
N ILE A 261 -16.12 -17.65 -3.87
CA ILE A 261 -15.88 -16.35 -4.50
C ILE A 261 -15.54 -15.31 -3.45
N SER A 262 -14.37 -14.69 -3.58
CA SER A 262 -14.02 -13.53 -2.76
C SER A 262 -14.60 -12.31 -3.47
N ALA A 263 -15.53 -11.63 -2.81
CA ALA A 263 -16.18 -10.46 -3.39
C ALA A 263 -15.99 -9.25 -2.49
N ILE A 264 -14.77 -9.09 -1.98
CA ILE A 264 -14.41 -8.09 -0.98
C ILE A 264 -13.18 -7.26 -1.48
N PRO A 265 -13.03 -5.97 -1.08
CA PRO A 265 -11.84 -5.21 -1.50
C PRO A 265 -10.57 -6.06 -1.53
N PRO A 266 -9.77 -5.97 -2.58
CA PRO A 266 -8.57 -6.84 -2.67
C PRO A 266 -7.77 -6.85 -1.37
N THR A 267 -7.52 -5.67 -0.81
CA THR A 267 -6.68 -5.60 0.40
C THR A 267 -7.34 -6.28 1.60
N LEU A 268 -8.69 -6.36 1.59
CA LEU A 268 -9.41 -7.01 2.71
C LEU A 268 -9.29 -8.52 2.79
N GLY A 269 -8.75 -9.13 1.74
CA GLY A 269 -8.30 -10.52 1.85
C GLY A 269 -7.20 -10.76 2.88
N MET A 270 -6.69 -9.69 3.49
CA MET A 270 -5.59 -9.80 4.47
C MET A 270 -6.20 -10.20 5.78
N LYS A 271 -7.51 -9.98 5.89
CA LYS A 271 -8.28 -10.36 7.09
C LYS A 271 -8.58 -11.86 7.16
N ILE A 272 -8.19 -12.59 6.12
CA ILE A 272 -8.43 -14.03 6.04
C ILE A 272 -7.09 -14.73 6.16
N HIS A 273 -7.06 -15.80 6.94
CA HIS A 273 -5.90 -16.68 7.10
C HIS A 273 -6.04 -17.81 6.10
N PHE A 274 -4.96 -18.14 5.38
CA PHE A 274 -5.09 -19.08 4.27
C PHE A 274 -4.32 -20.35 4.48
N ASN A 275 -4.99 -21.49 4.26
CA ASN A 275 -4.31 -22.79 4.20
C ASN A 275 -4.70 -23.53 2.91
N PRO A 276 -3.71 -23.81 2.02
CA PRO A 276 -2.28 -23.44 2.15
C PRO A 276 -2.02 -21.93 2.01
N PRO A 277 -0.81 -21.45 2.33
CA PRO A 277 -0.49 -20.05 2.12
C PRO A 277 -0.84 -19.58 0.70
N LEU A 278 -1.16 -18.29 0.53
CA LEU A 278 -1.43 -17.73 -0.81
C LEU A 278 -0.21 -17.79 -1.71
N PRO A 279 -0.41 -17.86 -3.05
CA PRO A 279 0.83 -17.81 -3.82
C PRO A 279 1.50 -16.44 -3.65
N MET A 280 2.83 -16.44 -3.66
CA MET A 280 3.61 -15.27 -3.30
C MET A 280 3.14 -13.95 -3.92
N MET A 281 2.85 -13.89 -5.22
CA MET A 281 2.44 -12.60 -5.82
C MET A 281 1.20 -12.04 -5.17
N ARG A 282 0.18 -12.89 -4.98
CA ARG A 282 -1.05 -12.45 -4.31
C ARG A 282 -0.81 -12.19 -2.84
N ASN A 283 -0.01 -13.02 -2.17
CA ASN A 283 0.41 -12.67 -0.80
C ASN A 283 0.76 -11.21 -0.65
N GLN A 284 1.61 -10.70 -1.53
CA GLN A 284 2.15 -9.31 -1.42
C GLN A 284 1.25 -8.32 -2.13
N MET A 285 0.69 -8.70 -3.26
CA MET A 285 -0.34 -7.83 -3.87
C MET A 285 -1.31 -7.22 -2.88
N ILE A 286 -1.77 -7.99 -1.90
CA ILE A 286 -2.86 -7.50 -1.01
C ILE A 286 -2.42 -6.51 0.07
N THR A 287 -1.10 -6.39 0.26
CA THR A 287 -0.55 -5.40 1.16
C THR A 287 -0.25 -4.10 0.42
N ARG A 288 -0.54 -4.07 -0.88
CA ARG A 288 0.02 -3.04 -1.76
C ARG A 288 -1.07 -2.22 -2.46
N VAL A 289 -2.34 -2.41 -2.09
CA VAL A 289 -3.44 -1.82 -2.84
C VAL A 289 -4.55 -1.29 -1.93
N PRO A 290 -4.39 -0.05 -1.44
CA PRO A 290 -5.25 0.62 -0.45
C PRO A 290 -6.39 1.32 -1.08
N LEU A 291 -7.41 1.67 -0.31
CA LEU A 291 -8.55 2.50 -0.82
C LEU A 291 -8.49 3.99 -0.53
N GLY A 292 -9.18 4.76 -1.36
CA GLY A 292 -9.36 6.19 -1.15
C GLY A 292 -9.98 6.64 0.16
N SER A 293 -10.01 7.95 0.35
CA SER A 293 -10.38 8.58 1.59
C SER A 293 -11.40 9.68 1.19
N VAL A 294 -12.65 9.53 1.59
CA VAL A 294 -13.70 10.52 1.34
C VAL A 294 -14.72 10.52 2.50
N ILE A 295 -15.23 11.71 2.88
CA ILE A 295 -16.40 11.85 3.76
C ILE A 295 -17.57 12.27 2.83
N LYS A 296 -18.64 11.49 2.76
CA LYS A 296 -19.82 11.94 1.96
C LYS A 296 -20.81 12.70 2.86
N CYS A 297 -21.16 13.92 2.44
CA CYS A 297 -21.91 14.89 3.29
C CYS A 297 -23.21 15.40 2.64
N ILE A 298 -24.34 15.36 3.35
CA ILE A 298 -25.57 15.93 2.79
C ILE A 298 -26.19 16.95 3.74
N VAL A 299 -26.17 18.23 3.36
CA VAL A 299 -26.85 19.30 4.13
C VAL A 299 -28.31 19.54 3.59
N TYR A 300 -29.30 19.51 4.51
CA TYR A 300 -30.76 19.67 4.13
C TYR A 300 -31.25 21.10 4.39
N TYR A 301 -32.09 21.58 3.47
CA TYR A 301 -32.68 22.92 3.58
C TYR A 301 -34.23 22.84 3.44
N LYS A 302 -34.93 23.87 3.92
CA LYS A 302 -36.37 24.04 3.67
C LYS A 302 -36.72 23.94 2.17
N GLU A 303 -36.12 24.81 1.36
CA GLU A 303 -36.27 24.78 -0.10
C GLU A 303 -34.97 24.45 -0.87
N PRO A 304 -35.08 24.04 -2.15
CA PRO A 304 -33.91 24.09 -3.04
C PRO A 304 -33.71 25.53 -3.57
N PHE A 305 -33.22 26.38 -2.66
CA PHE A 305 -33.19 27.82 -2.86
C PHE A 305 -32.32 28.26 -4.00
N TRP A 306 -31.35 27.42 -4.35
CA TRP A 306 -30.36 27.78 -5.34
C TRP A 306 -30.98 27.84 -6.74
N ARG A 307 -32.05 27.07 -6.98
CA ARG A 307 -32.72 27.05 -8.31
C ARG A 307 -33.38 28.39 -8.64
N LYS A 308 -33.87 29.06 -7.61
CA LYS A 308 -34.45 30.38 -7.73
C LYS A 308 -33.46 31.37 -8.36
N LYS A 309 -32.19 31.31 -7.92
CA LYS A 309 -31.09 32.05 -8.54
C LYS A 309 -30.55 31.43 -9.82
N ASP A 310 -31.22 30.39 -10.36
CA ASP A 310 -30.84 29.71 -11.62
C ASP A 310 -29.50 28.94 -11.55
N TYR A 311 -29.19 28.43 -10.36
CA TYR A 311 -28.16 27.42 -10.08
C TYR A 311 -28.77 26.05 -9.87
N CYS A 312 -28.20 25.00 -10.48
CA CYS A 312 -28.81 23.65 -10.39
C CYS A 312 -28.41 22.92 -9.13
N GLY A 313 -27.25 23.27 -8.59
CA GLY A 313 -26.78 22.68 -7.38
C GLY A 313 -25.40 22.11 -7.53
N THR A 314 -24.95 21.89 -8.78
CA THR A 314 -23.56 21.44 -9.11
C THR A 314 -22.53 22.59 -8.87
N MET A 315 -21.44 22.29 -8.17
CA MET A 315 -20.42 23.28 -7.85
C MET A 315 -19.07 22.59 -7.93
N ILE A 316 -18.13 23.19 -8.66
CA ILE A 316 -16.79 22.66 -8.84
C ILE A 316 -15.89 23.60 -8.07
N ILE A 317 -15.49 23.25 -6.86
CA ILE A 317 -14.92 24.26 -6.01
C ILE A 317 -13.43 24.06 -5.82
N ASP A 318 -12.65 24.96 -6.41
CA ASP A 318 -11.19 24.91 -6.42
C ASP A 318 -10.57 25.46 -5.16
N GLY A 319 -9.39 24.97 -4.81
CA GLY A 319 -8.54 25.61 -3.79
C GLY A 319 -8.51 24.96 -2.41
N GLU A 320 -7.41 25.18 -1.66
CA GLU A 320 -7.15 24.37 -0.46
C GLU A 320 -8.02 24.67 0.76
N GLU A 321 -8.44 25.91 0.88
CA GLU A 321 -9.34 26.31 1.96
C GLU A 321 -10.74 25.64 1.93
N ALA A 322 -11.23 25.25 0.75
CA ALA A 322 -12.56 24.63 0.59
C ALA A 322 -12.56 23.21 1.14
N PRO A 323 -13.40 22.91 2.13
CA PRO A 323 -13.56 21.52 2.60
C PRO A 323 -14.04 20.56 1.51
N VAL A 324 -14.96 21.03 0.70
CA VAL A 324 -15.68 20.23 -0.32
C VAL A 324 -15.27 20.74 -1.68
N ALA A 325 -14.84 19.85 -2.59
CA ALA A 325 -14.47 20.30 -3.94
C ALA A 325 -15.58 20.08 -4.97
N TYR A 326 -16.65 19.39 -4.60
CA TYR A 326 -17.67 19.15 -5.60
C TYR A 326 -18.97 18.84 -4.94
N THR A 327 -20.06 19.36 -5.52
CA THR A 327 -21.38 19.18 -4.95
C THR A 327 -22.40 18.84 -6.01
N LEU A 328 -23.54 18.33 -5.55
CA LEU A 328 -24.67 18.01 -6.44
C LEU A 328 -25.98 18.16 -5.71
N ASP A 329 -27.00 18.71 -6.39
CA ASP A 329 -28.40 18.77 -5.87
C ASP A 329 -28.83 17.38 -5.42
N ASP A 330 -29.12 17.18 -4.13
CA ASP A 330 -29.66 15.89 -3.65
C ASP A 330 -31.19 15.86 -3.34
N THR A 331 -31.94 16.81 -3.87
CA THR A 331 -33.37 16.90 -3.54
C THR A 331 -34.05 15.69 -4.13
N LYS A 332 -35.04 15.15 -3.42
CA LYS A 332 -35.92 14.09 -3.97
C LYS A 332 -36.52 14.51 -5.30
N PRO A 333 -36.80 13.56 -6.22
CA PRO A 333 -37.38 13.89 -7.53
C PRO A 333 -38.71 14.62 -7.45
N GLU A 334 -39.41 14.49 -6.31
CA GLU A 334 -40.69 15.19 -6.14
C GLU A 334 -40.48 16.66 -5.76
N GLY A 335 -39.23 17.03 -5.47
CA GLY A 335 -38.88 18.44 -5.24
C GLY A 335 -38.86 18.84 -3.78
N ASN A 336 -38.95 17.83 -2.90
CA ASN A 336 -38.92 18.01 -1.43
C ASN A 336 -37.73 17.30 -0.77
N TYR A 337 -37.53 17.53 0.53
CA TYR A 337 -36.29 17.08 1.20
C TYR A 337 -35.10 17.69 0.47
N ALA A 338 -35.21 19.01 0.21
CA ALA A 338 -34.23 19.80 -0.52
C ALA A 338 -32.83 19.66 0.10
N ALA A 339 -31.81 19.25 -0.67
CA ALA A 339 -30.48 19.04 -0.08
C ALA A 339 -29.31 19.30 -1.02
N ILE A 340 -28.13 19.53 -0.46
CA ILE A 340 -26.89 19.57 -1.25
C ILE A 340 -25.97 18.44 -0.79
N MET A 341 -25.45 17.69 -1.76
CA MET A 341 -24.47 16.63 -1.51
C MET A 341 -23.09 17.17 -1.86
N GLY A 342 -22.12 16.98 -0.99
CA GLY A 342 -20.72 17.27 -1.29
C GLY A 342 -19.78 16.22 -0.73
N PHE A 343 -18.63 16.03 -1.40
CA PHE A 343 -17.55 15.13 -0.96
C PHE A 343 -16.39 15.91 -0.31
N ILE A 344 -15.85 15.45 0.83
CA ILE A 344 -14.54 15.93 1.38
C ILE A 344 -13.50 14.91 0.99
N LEU A 345 -12.58 15.25 0.08
CA LEU A 345 -11.72 14.33 -0.69
C LEU A 345 -10.28 14.16 -0.11
N ALA A 346 -9.76 12.93 -0.17
CA ALA A 346 -8.30 12.70 -0.05
C ALA A 346 -7.88 13.31 1.24
N HIS A 347 -6.86 14.17 1.23
CA HIS A 347 -6.21 14.57 2.50
C HIS A 347 -7.14 15.43 3.28
N LYS A 348 -8.12 16.02 2.60
CA LYS A 348 -9.10 16.83 3.34
C LYS A 348 -9.93 15.99 4.27
N ALA A 349 -10.06 14.70 3.97
CA ALA A 349 -10.93 13.81 4.73
C ALA A 349 -10.18 13.42 5.99
N ARG A 350 -8.86 13.32 5.90
CA ARG A 350 -8.04 13.05 7.07
C ARG A 350 -8.05 14.22 8.02
N LYS A 351 -7.97 15.43 7.48
CA LYS A 351 -7.73 16.62 8.26
C LYS A 351 -9.00 17.02 8.98
N LEU A 352 -10.12 17.01 8.27
CA LEU A 352 -11.39 17.46 8.80
C LEU A 352 -12.11 16.42 9.62
N ALA A 353 -11.61 15.20 9.65
CA ALA A 353 -12.14 14.19 10.58
C ALA A 353 -11.90 14.56 12.06
N ARG A 354 -10.85 15.33 12.35
CA ARG A 354 -10.55 15.78 13.71
C ARG A 354 -11.64 16.69 14.25
N LEU A 355 -12.39 17.35 13.37
CA LEU A 355 -13.52 18.18 13.77
C LEU A 355 -14.70 17.35 14.25
N THR A 356 -15.66 18.01 14.89
CA THR A 356 -16.95 17.40 15.29
C THR A 356 -17.97 17.43 14.14
N LYS A 357 -19.02 16.64 14.23
CA LYS A 357 -20.04 16.64 13.18
C LYS A 357 -20.60 18.04 12.90
N GLU A 358 -20.73 18.84 13.97
CA GLU A 358 -21.41 20.13 13.93
C GLU A 358 -20.46 21.22 13.42
N GLU A 359 -19.17 21.05 13.70
CA GLU A 359 -18.12 21.91 13.14
C GLU A 359 -18.01 21.77 11.62
N ARG A 360 -18.12 20.55 11.10
CA ARG A 360 -18.04 20.33 9.63
C ARG A 360 -19.27 20.92 8.92
N LEU A 361 -20.45 20.76 9.54
CA LEU A 361 -21.67 21.37 9.02
C LEU A 361 -21.55 22.91 8.91
N LYS A 362 -20.87 23.52 9.87
CA LYS A 362 -20.67 24.95 9.83
C LYS A 362 -19.86 25.34 8.61
N LYS A 363 -18.71 24.66 8.44
CA LYS A 363 -17.76 24.97 7.39
C LYS A 363 -18.36 24.80 6.01
N LEU A 364 -19.16 23.75 5.84
CA LEU A 364 -19.80 23.47 4.58
C LEU A 364 -20.85 24.52 4.24
N CYS A 365 -21.61 24.94 5.25
CA CYS A 365 -22.67 25.96 5.06
C CYS A 365 -22.08 27.30 4.68
N GLU A 366 -21.12 27.77 5.49
CA GLU A 366 -20.29 28.93 5.15
C GLU A 366 -19.70 28.88 3.74
N LEU A 367 -19.00 27.80 3.43
CA LEU A 367 -18.63 27.52 2.07
C LEU A 367 -19.81 27.65 1.09
N TYR A 368 -20.89 26.87 1.26
CA TYR A 368 -22.00 26.92 0.23
C TYR A 368 -22.53 28.34 0.03
N ALA A 369 -22.57 29.10 1.14
CA ALA A 369 -23.07 30.47 1.15
C ALA A 369 -22.24 31.41 0.30
N LYS A 370 -20.90 31.28 0.40
CA LYS A 370 -19.94 32.07 -0.42
C LYS A 370 -20.18 31.76 -1.90
N VAL A 371 -20.28 30.47 -2.20
CA VAL A 371 -20.26 29.96 -3.56
C VAL A 371 -21.60 30.17 -4.29
N LEU A 372 -22.70 30.10 -3.54
CA LEU A 372 -24.03 30.31 -4.10
C LEU A 372 -24.41 31.81 -3.94
N GLY A 373 -23.57 32.56 -3.20
CA GLY A 373 -23.90 33.91 -2.77
C GLY A 373 -25.27 34.05 -2.12
N SER A 374 -25.58 33.13 -1.20
CA SER A 374 -26.88 33.05 -0.51
C SER A 374 -26.73 32.90 0.98
N LEU A 375 -27.34 33.81 1.73
CA LEU A 375 -27.45 33.63 3.18
C LEU A 375 -28.35 32.45 3.61
N GLU A 376 -29.25 32.00 2.72
CA GLU A 376 -30.13 30.90 3.09
C GLU A 376 -29.32 29.66 3.31
N ALA A 377 -28.09 29.64 2.75
CA ALA A 377 -27.23 28.47 2.82
C ALA A 377 -26.77 28.20 4.21
N LEU A 378 -26.79 29.26 5.02
CA LEU A 378 -26.41 29.23 6.43
C LEU A 378 -27.54 28.74 7.34
N GLU A 379 -28.70 28.41 6.76
CA GLU A 379 -29.88 27.95 7.51
C GLU A 379 -30.25 26.48 7.21
N PRO A 380 -29.38 25.51 7.61
CA PRO A 380 -29.73 24.11 7.35
C PRO A 380 -30.90 23.59 8.24
N VAL A 381 -31.67 22.61 7.77
CA VAL A 381 -32.64 21.93 8.64
C VAL A 381 -32.14 20.59 9.25
N HIS A 382 -31.32 19.87 8.48
CA HIS A 382 -30.82 18.57 8.93
C HIS A 382 -29.43 18.30 8.29
N TYR A 383 -28.67 17.36 8.87
CA TYR A 383 -27.36 16.97 8.33
C TYR A 383 -27.04 15.49 8.51
N GLU A 384 -26.62 14.83 7.43
CA GLU A 384 -26.11 13.45 7.47
C GLU A 384 -24.79 13.37 6.73
N GLU A 385 -23.85 12.64 7.31
CA GLU A 385 -22.53 12.50 6.74
C GLU A 385 -22.01 11.07 6.92
N LYS A 386 -21.26 10.52 5.97
CA LYS A 386 -20.50 9.32 6.31
C LYS A 386 -18.98 9.38 6.03
N ASN A 387 -18.17 9.14 7.04
CA ASN A 387 -16.72 9.01 6.81
C ASN A 387 -16.27 7.55 6.56
N TRP A 388 -16.14 7.17 5.30
CA TRP A 388 -15.84 5.79 4.93
C TRP A 388 -14.41 5.32 5.32
N CYS A 389 -13.50 6.24 5.57
CA CYS A 389 -12.19 5.84 6.06
C CYS A 389 -12.27 4.99 7.30
N GLU A 390 -13.33 5.16 8.10
CA GLU A 390 -13.33 4.46 9.39
C GLU A 390 -13.84 3.04 9.32
N GLU A 391 -14.35 2.64 8.15
CA GLU A 391 -15.00 1.35 8.00
C GLU A 391 -13.97 0.23 7.88
N GLN A 392 -14.04 -0.74 8.82
CA GLN A 392 -13.12 -1.90 8.93
C GLN A 392 -13.29 -2.87 7.76
N TYR A 393 -14.53 -3.04 7.31
CA TYR A 393 -14.89 -3.98 6.22
C TYR A 393 -15.11 -3.32 4.88
N SER A 394 -14.68 -2.06 4.75
CA SER A 394 -14.43 -1.39 3.48
C SER A 394 -12.95 -0.95 3.31
N GLY A 395 -12.42 -0.21 4.28
CA GLY A 395 -11.03 0.29 4.21
C GLY A 395 -10.92 1.67 3.59
N GLY A 396 -12.05 2.19 3.07
CA GLY A 396 -12.06 3.46 2.32
C GLY A 396 -13.20 3.52 1.31
N CYS A 397 -13.20 4.56 0.50
CA CYS A 397 -14.06 4.75 -0.65
C CYS A 397 -13.41 5.69 -1.63
N TYR A 398 -13.79 5.64 -2.92
CA TYR A 398 -14.89 4.78 -3.45
C TYR A 398 -14.36 3.41 -3.78
N THR A 399 -13.05 3.36 -4.04
CA THR A 399 -12.38 2.15 -4.55
C THR A 399 -10.86 2.18 -4.25
N THR A 400 -10.19 1.18 -4.83
CA THR A 400 -8.83 0.79 -4.54
C THR A 400 -8.08 1.51 -5.63
N TYR A 401 -6.98 2.13 -5.24
CA TYR A 401 -6.03 2.78 -6.14
C TYR A 401 -4.69 2.08 -6.02
N PHE A 402 -3.87 2.22 -7.08
CA PHE A 402 -2.62 1.53 -7.21
C PHE A 402 -1.49 2.62 -7.18
N PRO A 403 -0.58 2.58 -6.19
CA PRO A 403 0.59 3.51 -6.20
C PRO A 403 1.65 3.27 -7.30
N PRO A 404 2.71 4.13 -7.31
CA PRO A 404 3.78 3.93 -8.32
C PRO A 404 4.34 2.54 -8.24
N GLY A 405 4.66 1.95 -9.37
CA GLY A 405 5.20 0.55 -9.59
C GLY A 405 4.37 -0.71 -9.35
N ILE A 406 3.19 -0.51 -8.75
CA ILE A 406 2.44 -1.70 -8.29
C ILE A 406 1.92 -2.37 -9.50
N LEU A 407 0.98 -1.68 -10.18
CA LEU A 407 0.12 -2.29 -11.26
C LEU A 407 0.82 -3.18 -12.27
N THR A 408 1.94 -2.75 -12.83
CA THR A 408 2.58 -3.61 -13.78
C THR A 408 3.18 -4.81 -13.03
N GLN A 409 3.52 -4.70 -11.73
CA GLN A 409 4.10 -5.89 -11.07
C GLN A 409 3.04 -6.89 -10.62
N TYR A 410 1.92 -6.40 -10.07
CA TYR A 410 1.00 -7.27 -9.38
C TYR A 410 -0.40 -7.31 -10.03
N GLY A 411 -0.63 -6.52 -11.08
CA GLY A 411 -1.93 -6.39 -11.68
C GLY A 411 -2.51 -7.69 -12.18
N ARG A 412 -1.72 -8.46 -12.93
CA ARG A 412 -2.13 -9.75 -13.47
C ARG A 412 -2.86 -10.64 -12.47
N VAL A 413 -2.43 -10.51 -11.21
CA VAL A 413 -2.78 -11.40 -10.11
C VAL A 413 -4.20 -11.12 -9.62
N LEU A 414 -4.71 -9.93 -9.91
CA LEU A 414 -5.93 -9.46 -9.27
C LEU A 414 -7.09 -10.44 -9.35
N ARG A 415 -7.30 -11.03 -10.52
CA ARG A 415 -8.45 -11.89 -10.69
C ARG A 415 -8.06 -13.28 -11.15
N GLN A 416 -6.78 -13.64 -10.94
CA GLN A 416 -6.30 -14.98 -11.18
C GLN A 416 -6.87 -15.94 -10.13
N PRO A 417 -7.51 -17.04 -10.53
CA PRO A 417 -8.00 -17.88 -9.44
C PRO A 417 -6.90 -18.49 -8.59
N VAL A 418 -7.18 -18.67 -7.28
CA VAL A 418 -6.28 -19.44 -6.41
C VAL A 418 -6.93 -20.76 -6.03
N ASP A 419 -6.58 -21.81 -6.81
CA ASP A 419 -7.18 -23.15 -6.74
C ASP A 419 -8.69 -23.03 -7.04
N ARG A 420 -9.54 -23.10 -6.01
CA ARG A 420 -11.01 -23.05 -6.19
C ARG A 420 -11.63 -21.76 -5.67
N ILE A 421 -10.78 -20.77 -5.37
CA ILE A 421 -11.21 -19.37 -5.11
C ILE A 421 -11.13 -18.53 -6.38
N TYR A 422 -12.29 -17.96 -6.73
CA TYR A 422 -12.45 -17.04 -7.85
C TYR A 422 -12.79 -15.64 -7.32
N PHE A 423 -12.45 -14.61 -8.11
CA PHE A 423 -12.45 -13.20 -7.60
C PHE A 423 -13.39 -12.23 -8.28
N ALA A 424 -14.26 -11.63 -7.47
CA ALA A 424 -15.21 -10.62 -7.93
C ALA A 424 -14.90 -9.32 -7.18
N GLY A 425 -15.92 -8.46 -7.03
CA GLY A 425 -15.74 -7.15 -6.46
C GLY A 425 -15.41 -6.21 -7.61
N THR A 426 -15.77 -4.94 -7.46
CA THR A 426 -15.61 -4.01 -8.57
C THR A 426 -14.14 -3.82 -9.05
N GLU A 427 -13.17 -4.04 -8.17
CA GLU A 427 -11.76 -3.83 -8.52
C GLU A 427 -11.33 -4.73 -9.64
N THR A 428 -12.10 -5.79 -9.91
CA THR A 428 -11.62 -6.83 -10.85
C THR A 428 -12.28 -6.65 -12.21
N ALA A 429 -13.09 -5.60 -12.34
CA ALA A 429 -13.91 -5.38 -13.51
C ALA A 429 -13.09 -4.71 -14.59
N THR A 430 -13.55 -4.80 -15.84
CA THR A 430 -12.76 -4.20 -16.92
C THR A 430 -13.47 -3.07 -17.61
N HIS A 431 -14.70 -2.77 -17.15
CA HIS A 431 -15.50 -1.61 -17.61
C HIS A 431 -16.27 -1.00 -16.40
N TRP A 432 -16.04 0.28 -16.10
CA TRP A 432 -16.61 0.92 -14.90
C TRP A 432 -16.13 0.29 -13.60
N SER A 433 -14.92 -0.24 -13.60
CA SER A 433 -14.30 -0.67 -12.33
C SER A 433 -14.36 0.52 -11.37
N GLY A 434 -14.60 0.27 -10.08
CA GLY A 434 -14.83 1.34 -9.10
C GLY A 434 -16.27 1.78 -8.91
N PHE A 435 -17.15 1.32 -9.78
CA PHE A 435 -18.56 1.68 -9.73
C PHE A 435 -19.45 0.47 -9.38
N MET A 436 -20.70 0.75 -9.01
CA MET A 436 -21.69 -0.31 -8.88
C MET A 436 -21.80 -1.20 -10.15
N GLU A 437 -21.80 -0.57 -11.33
CA GLU A 437 -21.66 -1.26 -12.61
C GLU A 437 -20.49 -2.30 -12.66
N GLY A 438 -19.28 -1.87 -12.27
CA GLY A 438 -18.13 -2.77 -12.20
C GLY A 438 -18.35 -3.94 -11.24
N ALA A 439 -18.98 -3.66 -10.10
CA ALA A 439 -19.37 -4.68 -9.11
C ALA A 439 -20.26 -5.80 -9.70
N VAL A 440 -21.27 -5.41 -10.50
CA VAL A 440 -22.09 -6.40 -11.25
C VAL A 440 -21.27 -7.14 -12.33
N GLU A 441 -20.58 -6.41 -13.20
CA GLU A 441 -19.70 -7.08 -14.16
C GLU A 441 -18.82 -8.21 -13.56
N ALA A 442 -18.12 -7.92 -12.46
CA ALA A 442 -17.14 -8.85 -11.91
C ALA A 442 -17.75 -10.01 -11.12
N GLY A 443 -18.97 -9.85 -10.60
CA GLY A 443 -19.60 -10.92 -9.85
C GLY A 443 -20.19 -11.96 -10.76
N GLU A 444 -20.91 -11.49 -11.78
CA GLU A 444 -21.46 -12.34 -12.84
C GLU A 444 -20.33 -13.05 -13.62
N ARG A 445 -19.17 -12.42 -13.72
CA ARG A 445 -18.06 -13.06 -14.42
C ARG A 445 -17.46 -14.17 -13.58
N ALA A 446 -17.15 -13.90 -12.32
CA ALA A 446 -16.72 -14.96 -11.39
C ALA A 446 -17.72 -16.12 -11.27
N ALA A 447 -19.00 -15.82 -11.35
CA ALA A 447 -20.05 -16.84 -11.24
C ALA A 447 -19.93 -17.77 -12.43
N ARG A 448 -19.86 -17.18 -13.61
CA ARG A 448 -19.68 -17.91 -14.83
C ARG A 448 -18.35 -18.64 -14.97
N GLU A 449 -17.34 -18.19 -14.20
CA GLU A 449 -16.05 -18.85 -14.21
C GLU A 449 -16.24 -20.19 -13.55
N ILE A 450 -16.92 -20.16 -12.39
CA ILE A 450 -17.20 -21.37 -11.61
C ILE A 450 -18.10 -22.28 -12.39
N LEU A 451 -19.21 -21.77 -12.93
CA LEU A 451 -20.08 -22.52 -13.84
C LEU A 451 -19.27 -23.22 -14.92
N HIS A 452 -18.35 -22.50 -15.56
CA HIS A 452 -17.49 -23.14 -16.56
C HIS A 452 -16.58 -24.24 -16.04
N ALA A 453 -15.96 -24.01 -14.88
CA ALA A 453 -15.13 -25.01 -14.19
C ALA A 453 -15.94 -26.29 -13.92
N MET A 454 -17.25 -26.13 -13.71
CA MET A 454 -18.17 -27.25 -13.53
C MET A 454 -18.77 -27.74 -14.85
N GLY A 455 -18.15 -27.42 -15.97
CA GLY A 455 -18.61 -27.89 -17.29
C GLY A 455 -20.03 -27.53 -17.68
N LYS A 456 -20.66 -26.60 -16.94
CA LYS A 456 -22.03 -26.18 -17.26
C LYS A 456 -22.13 -25.22 -18.46
N ILE A 457 -21.05 -24.46 -18.73
CA ILE A 457 -21.01 -23.56 -19.89
C ILE A 457 -19.65 -23.61 -20.60
N PRO A 458 -19.62 -23.29 -21.91
CA PRO A 458 -18.33 -23.28 -22.62
C PRO A 458 -17.48 -22.08 -22.21
N GLU A 459 -16.20 -22.06 -22.61
CA GLU A 459 -15.32 -20.94 -22.23
C GLU A 459 -15.79 -19.58 -22.78
N ASP A 460 -16.21 -19.54 -24.04
CA ASP A 460 -16.75 -18.33 -24.69
C ASP A 460 -17.90 -17.62 -23.97
N GLU A 461 -18.60 -18.33 -23.08
CA GLU A 461 -19.71 -17.73 -22.30
C GLU A 461 -19.33 -17.09 -20.96
N ILE A 462 -18.05 -17.25 -20.54
CA ILE A 462 -17.51 -16.66 -19.29
C ILE A 462 -17.67 -15.12 -19.25
N TRP A 463 -17.13 -14.45 -20.28
CA TRP A 463 -17.30 -13.02 -20.48
C TRP A 463 -18.43 -12.84 -21.50
N GLN A 464 -19.41 -12.02 -21.13
CA GLN A 464 -20.65 -11.87 -21.85
C GLN A 464 -20.90 -10.40 -22.04
N SER A 465 -21.39 -9.99 -23.21
CA SER A 465 -21.72 -8.58 -23.37
C SER A 465 -23.11 -8.24 -22.76
N GLU A 466 -23.48 -6.95 -22.74
CA GLU A 466 -24.76 -6.52 -22.15
C GLU A 466 -25.51 -5.58 -23.07
N PRO A 467 -26.79 -5.88 -23.37
CA PRO A 467 -27.63 -5.03 -24.23
C PRO A 467 -27.82 -3.62 -23.65
N GLU A 468 -27.81 -2.60 -24.53
CA GLU A 468 -27.98 -1.20 -24.10
C GLU A 468 -29.35 -0.97 -23.45
N SER A 469 -29.35 -0.38 -22.26
CA SER A 469 -30.59 0.04 -21.60
C SER A 469 -31.42 0.86 -22.57
N VAL A 470 -32.73 0.66 -22.53
CA VAL A 470 -33.67 1.44 -23.36
C VAL A 470 -34.19 2.66 -22.61
N ASP A 471 -34.17 2.59 -21.27
CA ASP A 471 -34.55 3.71 -20.40
C ASP A 471 -33.45 4.80 -20.33
N VAL A 472 -32.20 4.36 -20.23
CA VAL A 472 -31.07 5.26 -20.16
C VAL A 472 -30.15 4.94 -21.33
N PRO A 473 -30.53 5.38 -22.56
CA PRO A 473 -29.69 5.11 -23.73
C PRO A 473 -28.49 6.06 -23.74
N ALA A 474 -27.47 5.73 -24.51
CA ALA A 474 -26.23 6.49 -24.49
C ALA A 474 -25.88 7.17 -25.82
N GLN A 475 -25.78 8.50 -25.79
CA GLN A 475 -25.22 9.29 -26.90
C GLN A 475 -23.71 9.06 -27.04
N PRO A 476 -23.18 9.08 -28.29
CA PRO A 476 -21.75 8.83 -28.44
C PRO A 476 -20.93 10.11 -28.21
N ILE A 477 -19.66 9.95 -27.84
CA ILE A 477 -18.80 11.07 -27.47
C ILE A 477 -18.21 11.68 -28.73
N THR A 478 -18.36 13.00 -28.87
CA THR A 478 -17.98 13.69 -30.11
C THR A 478 -16.97 14.80 -29.84
N THR A 479 -16.01 14.95 -30.74
CA THR A 479 -15.05 16.07 -30.65
C THR A 479 -15.15 17.00 -31.83
N THR A 480 -15.12 18.32 -31.56
CA THR A 480 -15.02 19.37 -32.59
C THR A 480 -13.67 19.30 -33.35
N PHE A 481 -13.59 19.95 -34.50
CA PHE A 481 -12.38 19.87 -35.30
C PHE A 481 -11.20 20.59 -34.63
N LEU A 482 -11.46 21.70 -33.95
CA LEU A 482 -10.36 22.47 -33.34
C LEU A 482 -9.78 21.72 -32.16
N GLU A 483 -10.67 21.28 -31.27
CA GLU A 483 -10.33 20.48 -30.09
C GLU A 483 -9.32 19.42 -30.44
N ARG A 484 -9.64 18.70 -31.50
CA ARG A 484 -8.83 17.61 -31.97
C ARG A 484 -7.49 18.05 -32.55
N HIS A 485 -7.40 19.29 -33.02
CA HIS A 485 -6.24 19.74 -33.82
C HIS A 485 -5.43 20.94 -33.32
N LEU A 486 -6.03 21.77 -32.48
CA LEU A 486 -5.31 22.90 -31.90
C LEU A 486 -3.99 22.45 -31.26
N PRO A 487 -2.93 23.27 -31.34
CA PRO A 487 -1.67 22.87 -30.72
C PRO A 487 -1.67 22.94 -29.17
N SER A 488 -0.69 22.32 -28.55
CA SER A 488 -0.54 22.46 -27.13
C SER A 488 0.25 23.73 -26.92
N VAL A 489 0.38 24.17 -25.67
CA VAL A 489 1.28 25.30 -25.44
C VAL A 489 2.69 25.04 -26.04
N PRO A 490 3.35 23.89 -25.74
CA PRO A 490 4.67 23.67 -26.36
C PRO A 490 4.59 23.43 -27.87
N GLY A 491 3.42 23.07 -28.36
CA GLY A 491 3.21 22.90 -29.80
C GLY A 491 3.15 24.24 -30.49
N LEU A 492 2.55 25.21 -29.80
CA LEU A 492 2.48 26.57 -30.26
C LEU A 492 3.82 27.29 -30.15
N LEU A 493 4.62 26.99 -29.12
CA LEU A 493 5.97 27.55 -29.00
C LEU A 493 6.90 27.05 -30.13
N ARG A 494 6.94 25.72 -30.37
CA ARG A 494 7.68 25.11 -31.50
C ARG A 494 7.27 25.73 -32.85
N LEU A 495 6.00 26.10 -32.98
CA LEU A 495 5.48 26.72 -34.21
C LEU A 495 5.88 28.19 -34.33
N ILE A 496 5.92 28.91 -33.21
CA ILE A 496 6.58 30.23 -33.12
C ILE A 496 8.11 30.14 -33.32
N GLY A 497 8.73 29.13 -32.73
CA GLY A 497 10.17 28.91 -32.91
C GLY A 497 10.58 28.59 -34.35
N LEU A 498 9.74 27.80 -35.04
CA LEU A 498 9.99 27.37 -36.42
C LEU A 498 9.89 28.53 -37.41
N THR A 499 9.10 29.54 -37.06
CA THR A 499 8.83 30.65 -37.97
C THR A 499 9.73 31.88 -37.73
N THR A 500 10.79 31.70 -36.97
CA THR A 500 11.87 32.69 -36.93
C THR A 500 13.24 31.97 -37.08
N ILE A 501 13.63 31.20 -36.06
CA ILE A 501 14.89 30.44 -36.01
C ILE A 501 14.89 29.23 -36.96
N ASN B 3 -5.04 -18.95 29.82
CA ASN B 3 -6.28 -18.14 29.95
C ASN B 3 -6.00 -16.73 30.46
N LYS B 4 -5.48 -16.58 31.69
CA LYS B 4 -5.28 -15.23 32.26
C LYS B 4 -3.83 -14.83 32.53
N CYS B 5 -3.51 -13.57 32.27
CA CYS B 5 -2.21 -13.00 32.60
C CYS B 5 -2.23 -11.48 32.60
N ASP B 6 -1.08 -10.86 32.81
CA ASP B 6 -0.97 -9.42 32.74
C ASP B 6 -0.99 -8.86 31.31
N VAL B 7 -0.12 -9.38 30.44
CA VAL B 7 0.14 -8.84 29.10
C VAL B 7 0.21 -9.97 28.09
N VAL B 8 -0.66 -9.94 27.08
CA VAL B 8 -0.52 -10.73 25.86
C VAL B 8 0.38 -9.99 24.84
N VAL B 9 1.40 -10.70 24.33
CA VAL B 9 2.29 -10.18 23.31
C VAL B 9 1.98 -10.91 22.01
N VAL B 10 1.59 -10.18 20.98
CA VAL B 10 1.31 -10.82 19.71
C VAL B 10 2.61 -10.84 18.89
N GLY B 11 3.11 -12.03 18.60
CA GLY B 11 4.29 -12.21 17.78
C GLY B 11 5.56 -12.55 18.57
N GLY B 12 6.25 -13.61 18.14
CA GLY B 12 7.50 -14.03 18.78
C GLY B 12 8.79 -13.76 18.03
N GLY B 13 8.91 -12.59 17.43
CA GLY B 13 10.12 -12.21 16.74
C GLY B 13 11.03 -11.55 17.76
N ILE B 14 12.16 -11.01 17.35
CA ILE B 14 13.06 -10.38 18.31
C ILE B 14 12.32 -9.30 19.13
N SER B 15 11.39 -8.59 18.53
CA SER B 15 10.67 -7.50 19.22
C SER B 15 9.72 -7.99 20.31
N GLY B 16 8.78 -8.87 19.93
CA GLY B 16 7.97 -9.66 20.88
C GLY B 16 8.79 -10.32 21.99
N MET B 17 9.81 -11.09 21.64
CA MET B 17 10.61 -11.80 22.64
C MET B 17 11.27 -10.86 23.61
N ALA B 18 11.79 -9.73 23.11
CA ALA B 18 12.48 -8.72 23.94
C ALA B 18 11.49 -8.02 24.89
N ALA B 19 10.25 -7.86 24.40
CA ALA B 19 9.17 -7.23 25.16
C ALA B 19 8.73 -8.17 26.28
N ALA B 20 8.58 -9.45 25.94
CA ALA B 20 8.18 -10.47 26.89
C ALA B 20 9.22 -10.59 28.00
N LYS B 21 10.49 -10.65 27.61
CA LYS B 21 11.57 -10.82 28.55
C LYS B 21 11.59 -9.74 29.62
N LEU B 22 11.49 -8.47 29.20
CA LEU B 22 11.57 -7.31 30.08
C LEU B 22 10.38 -7.27 31.04
N LEU B 23 9.21 -7.73 30.59
CA LEU B 23 8.01 -7.74 31.40
C LEU B 23 8.09 -8.88 32.39
N HIS B 24 8.47 -10.05 31.91
CA HIS B 24 8.72 -11.21 32.77
C HIS B 24 9.85 -11.00 33.80
N ASP B 25 10.89 -10.25 33.47
CA ASP B 25 11.93 -9.93 34.45
C ASP B 25 11.44 -8.86 35.43
N SER B 26 10.19 -8.45 35.33
CA SER B 26 9.63 -7.49 36.28
C SER B 26 8.58 -8.17 37.12
N GLY B 27 8.50 -9.49 36.97
CA GLY B 27 7.54 -10.28 37.70
C GLY B 27 6.17 -10.29 37.09
N LEU B 28 5.99 -9.76 35.89
CA LEU B 28 4.67 -9.81 35.26
C LEU B 28 4.41 -11.14 34.60
N ASN B 29 3.13 -11.50 34.49
CA ASN B 29 2.74 -12.72 33.80
C ASN B 29 2.39 -12.47 32.33
N VAL B 30 3.30 -12.91 31.46
CA VAL B 30 3.19 -12.64 30.03
C VAL B 30 2.93 -13.93 29.25
N VAL B 31 2.26 -13.79 28.12
CA VAL B 31 2.01 -14.88 27.17
C VAL B 31 2.37 -14.33 25.80
N VAL B 32 3.27 -15.02 25.09
CA VAL B 32 3.58 -14.69 23.70
C VAL B 32 2.75 -15.55 22.76
N LEU B 33 1.91 -14.92 21.97
CA LEU B 33 1.15 -15.63 20.97
C LEU B 33 1.79 -15.47 19.59
N GLU B 34 2.42 -16.55 19.11
CA GLU B 34 3.17 -16.64 17.86
C GLU B 34 2.41 -17.50 16.85
N ALA B 35 2.28 -17.03 15.59
CA ALA B 35 1.42 -17.68 14.58
C ALA B 35 2.00 -18.93 13.90
N ARG B 36 3.32 -18.97 13.84
CA ARG B 36 4.07 -20.03 13.22
C ARG B 36 4.52 -21.09 14.24
N ASP B 37 4.99 -22.23 13.72
CA ASP B 37 5.55 -23.28 14.53
C ASP B 37 7.02 -23.05 14.87
N ARG B 38 7.45 -21.79 14.88
CA ARG B 38 8.82 -21.46 15.30
C ARG B 38 8.83 -20.02 15.71
N VAL B 39 9.84 -19.63 16.46
CA VAL B 39 9.97 -18.25 16.87
C VAL B 39 11.01 -17.69 15.93
N GLY B 40 11.27 -16.38 16.01
CA GLY B 40 12.27 -15.77 15.18
C GLY B 40 11.81 -14.82 14.09
N GLY B 41 10.60 -15.01 13.59
CA GLY B 41 10.11 -14.23 12.43
C GLY B 41 11.07 -13.97 11.24
N ARG B 42 11.29 -12.71 10.93
CA ARG B 42 12.24 -12.35 9.92
C ARG B 42 13.70 -12.77 10.18
N THR B 43 13.99 -13.32 11.37
CA THR B 43 15.21 -14.09 11.58
C THR B 43 14.83 -15.56 11.51
N TYR B 44 15.72 -16.39 10.96
CA TYR B 44 15.41 -17.80 10.82
C TYR B 44 16.69 -18.51 10.51
N THR B 45 17.24 -19.23 11.50
CA THR B 45 18.46 -20.05 11.32
C THR B 45 18.17 -21.54 11.05
N LEU B 46 18.58 -22.00 9.87
CA LEU B 46 18.34 -23.35 9.41
C LEU B 46 19.53 -24.21 9.75
N ARG B 47 19.25 -25.44 10.16
CA ARG B 47 20.31 -26.37 10.53
C ARG B 47 20.21 -27.66 9.77
N ASN B 48 21.33 -28.07 9.18
CA ASN B 48 21.46 -29.39 8.61
C ASN B 48 22.93 -29.70 8.51
N GLN B 49 23.24 -30.94 8.17
CA GLN B 49 24.59 -31.46 7.99
C GLN B 49 25.50 -30.68 7.08
N LYS B 50 24.90 -30.29 5.95
CA LYS B 50 25.52 -29.63 4.80
C LYS B 50 26.01 -28.26 5.09
N VAL B 51 25.19 -27.49 5.81
CA VAL B 51 25.51 -26.10 6.08
C VAL B 51 25.95 -25.87 7.51
N LYS B 52 25.76 -26.90 8.35
CA LYS B 52 25.81 -26.82 9.80
C LYS B 52 24.63 -25.95 10.27
N TYR B 53 24.83 -24.63 10.24
CA TYR B 53 23.73 -23.67 10.39
C TYR B 53 23.85 -22.58 9.31
N VAL B 54 22.74 -21.90 9.02
CA VAL B 54 22.74 -20.73 8.12
C VAL B 54 21.62 -19.74 8.43
N ASP B 55 21.97 -18.47 8.56
CA ASP B 55 20.96 -17.40 8.60
C ASP B 55 20.27 -17.17 7.26
N LEU B 56 18.97 -17.45 7.20
CA LEU B 56 18.16 -17.27 6.00
C LEU B 56 17.28 -16.01 5.98
N GLY B 57 17.12 -15.37 7.15
CA GLY B 57 16.67 -13.99 7.32
C GLY B 57 17.72 -13.03 7.93
N GLY B 58 17.29 -12.18 8.84
CA GLY B 58 18.19 -11.27 9.49
C GLY B 58 19.40 -11.97 10.03
N SER B 59 20.53 -11.31 9.94
CA SER B 59 21.80 -11.93 10.19
C SER B 59 22.90 -10.96 10.69
N TYR B 60 22.98 -9.77 10.11
CA TYR B 60 24.14 -8.87 10.30
C TYR B 60 23.89 -7.90 11.41
N VAL B 61 24.95 -7.57 12.16
CA VAL B 61 24.91 -6.60 13.25
C VAL B 61 26.23 -5.88 13.25
N GLY B 62 26.29 -4.67 13.78
CA GLY B 62 27.58 -3.95 13.75
C GLY B 62 27.63 -2.84 14.78
N PRO B 63 28.68 -2.01 14.74
CA PRO B 63 28.82 -0.84 15.63
C PRO B 63 27.60 0.10 15.65
N THR B 64 27.32 0.63 16.85
CA THR B 64 26.15 1.47 17.22
C THR B 64 24.87 0.66 17.37
N GLN B 65 24.93 -0.64 17.20
CA GLN B 65 23.73 -1.43 17.40
C GLN B 65 23.78 -2.11 18.76
N ASN B 66 23.76 -1.30 19.84
CA ASN B 66 24.13 -1.76 21.19
C ASN B 66 23.08 -2.61 21.96
N ARG B 67 21.82 -2.47 21.57
CA ARG B 67 20.76 -3.22 22.22
C ARG B 67 20.72 -4.68 21.84
N ILE B 68 20.78 -5.01 20.55
CA ILE B 68 20.92 -6.41 20.11
C ILE B 68 22.24 -7.01 20.60
N LEU B 69 23.30 -6.24 20.59
CA LEU B 69 24.57 -6.75 21.08
C LEU B 69 24.49 -7.17 22.58
N ARG B 70 24.04 -6.25 23.43
CA ARG B 70 23.75 -6.53 24.84
C ARG B 70 22.80 -7.75 25.02
N LEU B 71 21.62 -7.72 24.40
CA LEU B 71 20.62 -8.77 24.59
C LEU B 71 21.20 -10.12 24.25
N ALA B 72 21.90 -10.19 23.13
CA ALA B 72 22.46 -11.46 22.67
C ALA B 72 23.59 -11.93 23.54
N LYS B 73 24.42 -11.01 24.06
CA LYS B 73 25.50 -11.36 25.00
C LYS B 73 24.95 -11.96 26.30
N GLU B 74 23.97 -11.28 26.89
CA GLU B 74 23.25 -11.79 28.04
C GLU B 74 22.68 -13.19 27.79
N LEU B 75 22.34 -13.53 26.54
CA LEU B 75 21.85 -14.89 26.24
C LEU B 75 22.99 -15.87 25.93
N GLY B 76 24.21 -15.38 26.08
CA GLY B 76 25.37 -16.22 25.98
C GLY B 76 25.86 -16.40 24.56
N LEU B 77 25.48 -15.47 23.68
CA LEU B 77 25.81 -15.49 22.25
C LEU B 77 27.04 -14.68 21.96
N GLU B 78 27.74 -15.08 20.90
CA GLU B 78 29.01 -14.47 20.52
C GLU B 78 28.96 -14.00 19.06
N THR B 79 29.79 -13.01 18.70
CA THR B 79 29.83 -12.50 17.32
C THR B 79 31.18 -12.84 16.72
N TYR B 80 31.20 -12.93 15.39
CA TYR B 80 32.48 -12.93 14.67
C TYR B 80 32.43 -11.92 13.52
N LYS B 81 33.59 -11.49 13.05
CA LYS B 81 33.64 -10.54 11.95
C LYS B 81 33.42 -11.24 10.62
N VAL B 82 32.55 -10.65 9.78
CA VAL B 82 32.37 -11.04 8.38
C VAL B 82 33.67 -10.76 7.65
N ASN B 83 34.11 -11.68 6.79
CA ASN B 83 35.38 -11.54 6.07
C ASN B 83 35.44 -10.35 5.12
N GLU B 84 36.37 -9.44 5.43
CA GLU B 84 36.60 -8.26 4.67
C GLU B 84 38.11 -7.95 4.70
N VAL B 85 38.94 -8.98 4.79
CA VAL B 85 40.42 -8.81 4.78
C VAL B 85 40.99 -8.42 3.41
N GLU B 86 40.63 -9.19 2.37
CA GLU B 86 41.06 -8.95 0.97
C GLU B 86 40.16 -7.92 0.22
N ARG B 87 40.40 -7.71 -1.08
CA ARG B 87 39.72 -6.67 -1.85
C ARG B 87 38.23 -6.96 -2.15
N LEU B 88 37.44 -5.88 -2.19
CA LEU B 88 36.05 -5.89 -2.61
C LEU B 88 36.08 -5.72 -4.12
N ILE B 89 34.97 -6.04 -4.78
CA ILE B 89 34.82 -5.86 -6.21
C ILE B 89 33.57 -5.04 -6.50
N HIS B 90 33.78 -4.04 -7.37
CA HIS B 90 32.72 -3.35 -8.08
C HIS B 90 32.70 -3.81 -9.54
N HIS B 91 31.59 -4.42 -9.92
CA HIS B 91 31.36 -4.91 -11.28
C HIS B 91 30.38 -3.99 -11.98
N VAL B 92 30.93 -3.27 -12.94
CA VAL B 92 30.16 -2.30 -13.68
C VAL B 92 30.47 -2.37 -15.18
N LYS B 93 29.41 -2.32 -15.96
CA LYS B 93 29.45 -2.52 -17.41
C LYS B 93 30.31 -3.75 -17.78
N GLY B 94 30.23 -4.80 -16.94
CA GLY B 94 30.69 -6.12 -17.31
C GLY B 94 32.15 -6.36 -17.04
N LYS B 95 32.73 -5.59 -16.11
CA LYS B 95 34.15 -5.70 -15.75
C LYS B 95 34.38 -5.50 -14.25
N SER B 96 35.32 -6.24 -13.67
CA SER B 96 35.48 -6.17 -12.22
C SER B 96 36.64 -5.26 -11.85
N TYR B 97 36.37 -4.36 -10.92
CA TYR B 97 37.31 -3.37 -10.48
C TYR B 97 37.55 -3.55 -8.98
N PRO B 98 38.64 -4.20 -8.60
CA PRO B 98 38.85 -4.46 -7.19
C PRO B 98 39.23 -3.21 -6.40
N PHE B 99 38.91 -3.16 -5.11
CA PHE B 99 39.19 -2.00 -4.27
C PHE B 99 39.22 -2.31 -2.78
N ARG B 100 39.71 -1.36 -1.98
CA ARG B 100 39.64 -1.44 -0.51
C ARG B 100 38.78 -0.27 0.08
N GLY B 101 38.65 -0.19 1.39
CA GLY B 101 37.71 0.75 1.97
C GLY B 101 36.29 0.30 1.63
N PRO B 102 35.28 1.11 2.01
CA PRO B 102 33.86 0.81 1.92
C PRO B 102 33.16 1.40 0.70
N PHE B 103 33.59 2.57 0.24
CA PHE B 103 33.07 3.20 -0.97
C PHE B 103 33.97 2.88 -2.16
N PRO B 104 33.37 2.44 -3.28
CA PRO B 104 34.14 2.16 -4.52
C PRO B 104 34.77 3.41 -5.15
N PRO B 105 36.06 3.37 -5.55
CA PRO B 105 36.61 4.66 -5.97
C PRO B 105 36.15 4.99 -7.39
N VAL B 106 36.05 6.28 -7.69
CA VAL B 106 35.64 6.75 -9.03
C VAL B 106 36.67 7.79 -9.51
N TRP B 107 37.20 7.59 -10.71
CA TRP B 107 38.42 8.30 -11.16
C TRP B 107 38.15 9.57 -11.99
N ASN B 108 37.19 9.49 -12.91
CA ASN B 108 36.76 10.61 -13.74
C ASN B 108 36.34 11.81 -12.90
N PRO B 109 36.87 13.01 -13.22
CA PRO B 109 36.73 14.18 -12.32
C PRO B 109 35.28 14.66 -12.14
N ILE B 110 34.51 14.70 -13.23
CA ILE B 110 33.11 15.14 -13.23
C ILE B 110 32.24 14.15 -12.45
N THR B 111 32.43 12.86 -12.71
CA THR B 111 31.70 11.80 -12.02
C THR B 111 32.00 11.82 -10.53
N TYR B 112 33.29 11.98 -10.19
CA TYR B 112 33.71 12.07 -8.83
C TYR B 112 32.89 13.10 -8.07
N LEU B 113 32.65 14.25 -8.71
CA LEU B 113 31.95 15.39 -8.08
C LEU B 113 30.47 15.08 -7.88
N ASP B 114 29.91 14.29 -8.82
CA ASP B 114 28.47 13.99 -8.86
C ASP B 114 28.09 12.97 -7.78
N HIS B 115 28.94 11.93 -7.65
CA HIS B 115 28.95 10.95 -6.57
C HIS B 115 29.20 11.64 -5.22
N ASN B 116 30.26 12.44 -5.13
CA ASN B 116 30.57 13.07 -3.85
C ASN B 116 29.39 13.87 -3.35
N ASN B 117 28.78 14.64 -4.23
CA ASN B 117 27.68 15.54 -3.87
C ASN B 117 26.39 14.77 -3.57
N PHE B 118 26.19 13.62 -4.21
CA PHE B 118 24.97 12.84 -3.94
C PHE B 118 24.89 12.30 -2.52
N TRP B 119 25.86 11.49 -2.10
CA TRP B 119 25.92 11.02 -0.71
C TRP B 119 25.88 12.14 0.27
N ARG B 120 26.68 13.17 0.01
CA ARG B 120 26.68 14.33 0.89
C ARG B 120 25.29 15.00 1.01
N THR B 121 24.49 14.96 -0.05
CA THR B 121 23.15 15.59 -0.06
C THR B 121 22.14 14.70 0.65
N MET B 122 22.23 13.40 0.40
CA MET B 122 21.55 12.40 1.21
C MET B 122 21.61 12.77 2.71
N ASP B 123 22.83 13.03 3.20
CA ASP B 123 23.11 13.26 4.61
C ASP B 123 22.72 14.65 5.07
N ASP B 124 22.92 15.65 4.21
CA ASP B 124 22.48 17.03 4.48
C ASP B 124 20.97 17.09 4.70
N MET B 125 20.22 16.50 3.77
CA MET B 125 18.78 16.44 3.91
C MET B 125 18.35 15.74 5.17
N GLY B 126 19.05 14.65 5.53
CA GLY B 126 18.79 13.87 6.74
C GLY B 126 18.79 14.68 8.03
N ARG B 127 19.76 15.57 8.18
CA ARG B 127 19.87 16.45 9.33
C ARG B 127 18.66 17.35 9.62
N GLU B 128 17.73 17.45 8.68
CA GLU B 128 16.52 18.28 8.85
C GLU B 128 15.36 17.39 9.18
N ILE B 129 15.63 16.08 9.27
CA ILE B 129 14.58 15.11 9.55
C ILE B 129 14.75 14.54 10.95
N PRO B 130 13.82 14.89 11.87
CA PRO B 130 13.76 14.24 13.18
C PRO B 130 13.54 12.73 13.11
N SER B 131 14.40 12.02 13.83
CA SER B 131 14.41 10.58 13.92
C SER B 131 13.16 10.04 14.51
N ASP B 132 12.60 10.76 15.46
CA ASP B 132 11.45 10.24 16.17
C ASP B 132 10.10 10.83 15.67
N ALA B 133 10.15 11.72 14.67
CA ALA B 133 8.98 12.34 13.99
C ALA B 133 9.53 13.00 12.72
N PRO B 134 9.68 12.19 11.65
CA PRO B 134 10.12 12.70 10.36
C PRO B 134 9.13 13.61 9.66
N TRP B 135 7.83 13.42 9.91
CA TRP B 135 6.74 14.27 9.37
C TRP B 135 6.89 15.73 9.81
N LYS B 136 7.94 16.02 10.59
CA LYS B 136 8.18 17.34 11.13
C LYS B 136 9.44 18.01 10.58
N ALA B 137 10.11 17.33 9.65
CA ALA B 137 11.07 17.98 8.80
C ALA B 137 10.42 19.25 8.26
N PRO B 138 11.20 20.35 8.11
CA PRO B 138 10.71 21.57 7.49
C PRO B 138 10.07 21.37 6.12
N LEU B 139 10.61 20.48 5.30
CA LEU B 139 10.18 20.36 3.90
C LEU B 139 9.53 19.01 3.69
N ALA B 140 8.87 18.54 4.74
CA ALA B 140 8.36 17.19 4.82
C ALA B 140 7.37 16.85 3.73
N GLU B 141 6.46 17.76 3.42
CA GLU B 141 5.45 17.48 2.39
C GLU B 141 6.12 17.50 1.01
N GLU B 142 6.96 18.51 0.79
CA GLU B 142 7.69 18.58 -0.45
C GLU B 142 8.47 17.28 -0.70
N TRP B 143 9.05 16.72 0.35
CA TRP B 143 9.87 15.52 0.24
C TRP B 143 9.02 14.24 0.25
N ASP B 144 7.89 14.25 0.94
CA ASP B 144 7.08 13.04 1.06
C ASP B 144 6.27 12.77 -0.21
N ASN B 145 6.09 13.83 -1.00
CA ASN B 145 5.23 13.82 -2.19
C ASN B 145 5.92 13.47 -3.51
N MET B 146 7.23 13.17 -3.44
CA MET B 146 7.99 12.73 -4.57
C MET B 146 8.55 11.32 -4.30
N THR B 147 8.97 10.58 -5.31
CA THR B 147 9.48 9.28 -5.02
C THR B 147 11.03 9.42 -4.95
N MET B 148 11.75 8.36 -4.60
CA MET B 148 13.25 8.53 -4.50
C MET B 148 13.83 8.60 -5.92
N LYS B 149 13.02 8.20 -6.90
CA LYS B 149 13.45 8.29 -8.29
C LYS B 149 13.44 9.72 -8.83
N GLU B 150 12.37 10.47 -8.56
CA GLU B 150 12.33 11.91 -8.82
C GLU B 150 13.53 12.61 -8.22
N LEU B 151 13.86 12.32 -6.97
CA LEU B 151 15.01 12.92 -6.34
C LEU B 151 16.33 12.52 -6.98
N LEU B 152 16.40 11.32 -7.58
CA LEU B 152 17.65 10.83 -8.14
C LEU B 152 17.84 11.49 -9.46
N ASP B 153 16.76 11.53 -10.24
CA ASP B 153 16.76 12.21 -11.53
C ASP B 153 17.20 13.69 -11.38
N LYS B 154 16.81 14.33 -10.29
CA LYS B 154 17.10 15.73 -10.05
C LYS B 154 18.57 15.91 -9.66
N LEU B 155 19.09 14.98 -8.88
CA LEU B 155 20.30 15.20 -8.11
C LEU B 155 21.52 14.73 -8.86
N CYS B 156 21.37 13.65 -9.61
CA CYS B 156 22.46 12.97 -10.27
C CYS B 156 22.63 13.43 -11.69
N TRP B 157 23.73 14.14 -11.94
CA TRP B 157 23.99 14.64 -13.31
C TRP B 157 24.68 13.63 -14.21
N THR B 158 25.03 12.46 -13.66
CA THR B 158 25.72 11.41 -14.41
C THR B 158 25.02 10.08 -14.24
N GLU B 159 25.07 9.22 -15.25
CA GLU B 159 24.39 7.93 -15.17
C GLU B 159 25.07 6.98 -14.23
N SER B 160 26.39 7.12 -14.16
CA SER B 160 27.20 6.40 -13.24
C SER B 160 26.69 6.55 -11.83
N ALA B 161 26.54 7.79 -11.35
CA ALA B 161 26.14 8.05 -10.00
C ALA B 161 24.69 7.65 -9.76
N LYS B 162 23.87 7.81 -10.78
CA LYS B 162 22.45 7.45 -10.64
C LYS B 162 22.21 5.92 -10.53
N GLN B 163 22.95 5.15 -11.32
CA GLN B 163 22.95 3.69 -11.19
C GLN B 163 23.38 3.23 -9.79
N LEU B 164 24.46 3.79 -9.24
CA LEU B 164 24.96 3.32 -7.98
C LEU B 164 23.97 3.65 -6.85
N ALA B 165 23.41 4.85 -6.91
CA ALA B 165 22.45 5.31 -5.96
C ALA B 165 21.17 4.47 -6.03
N THR B 166 20.84 3.96 -7.21
CA THR B 166 19.62 3.10 -7.38
C THR B 166 19.85 1.75 -6.72
N LEU B 167 21.11 1.29 -6.83
CA LEU B 167 21.52 0.01 -6.25
C LEU B 167 21.42 0.06 -4.73
N PHE B 168 22.07 1.09 -4.17
CA PHE B 168 21.90 1.45 -2.76
C PHE B 168 20.42 1.39 -2.30
N VAL B 169 19.55 2.13 -2.97
CA VAL B 169 18.16 2.16 -2.55
C VAL B 169 17.60 0.75 -2.56
N ASN B 170 17.78 0.05 -3.68
CA ASN B 170 17.36 -1.33 -3.83
C ASN B 170 17.89 -2.22 -2.72
N LEU B 171 19.18 -2.01 -2.34
CA LEU B 171 19.85 -2.91 -1.45
C LEU B 171 19.38 -2.72 -0.04
N CYS B 172 19.09 -1.46 0.33
CA CYS B 172 18.60 -1.09 1.67
C CYS B 172 17.14 -1.43 1.95
N VAL B 173 16.27 -1.28 0.98
CA VAL B 173 14.86 -1.32 1.34
C VAL B 173 14.06 -2.27 0.48
N THR B 174 14.80 -3.03 -0.36
CA THR B 174 14.26 -4.09 -1.19
C THR B 174 12.99 -3.58 -1.95
N ALA B 175 13.12 -2.40 -2.51
CA ALA B 175 12.04 -1.78 -3.22
C ALA B 175 12.65 -0.95 -4.32
N GLU B 176 11.80 -0.60 -5.32
CA GLU B 176 12.28 0.32 -6.40
C GLU B 176 12.27 1.79 -6.03
N THR B 177 13.18 2.55 -6.61
CA THR B 177 13.20 3.98 -6.29
C THR B 177 11.83 4.58 -6.68
N HIS B 178 11.34 4.26 -7.84
CA HIS B 178 9.90 4.69 -8.07
C HIS B 178 8.97 4.35 -6.96
N GLU B 179 9.16 3.31 -6.18
CA GLU B 179 8.16 2.83 -5.17
C GLU B 179 8.03 3.58 -3.87
N VAL B 180 9.19 4.18 -3.34
CA VAL B 180 9.28 4.76 -2.06
C VAL B 180 9.28 6.30 -2.09
N SER B 181 9.00 6.94 -0.95
CA SER B 181 9.03 8.36 -0.68
C SER B 181 10.48 8.77 -0.41
N ALA B 182 10.85 9.90 -1.03
CA ALA B 182 12.13 10.53 -0.77
C ALA B 182 12.24 10.78 0.72
N LEU B 183 11.14 11.23 1.38
CA LEU B 183 11.25 11.62 2.79
C LEU B 183 11.44 10.40 3.71
N TRP B 184 10.64 9.36 3.48
CA TRP B 184 10.83 8.12 4.21
C TRP B 184 12.26 7.57 4.06
N PHE B 185 12.79 7.48 2.84
CA PHE B 185 14.04 6.79 2.62
C PHE B 185 15.19 7.62 3.19
N LEU B 186 15.03 8.93 3.16
CA LEU B 186 16.01 9.84 3.70
C LEU B 186 16.02 9.75 5.21
N TRP B 187 14.82 9.46 5.76
CA TRP B 187 14.66 9.20 7.20
C TRP B 187 15.29 7.88 7.60
N TYR B 188 14.96 6.85 6.85
CA TYR B 188 15.51 5.53 7.01
C TYR B 188 17.06 5.61 7.13
N VAL B 189 17.73 6.23 6.17
CA VAL B 189 19.18 6.21 6.14
C VAL B 189 19.66 6.96 7.34
N LYS B 190 19.10 8.15 7.57
CA LYS B 190 19.42 8.99 8.73
C LYS B 190 19.34 8.26 10.08
N GLN B 191 18.23 7.55 10.30
CA GLN B 191 17.99 6.95 11.59
C GLN B 191 18.82 5.70 11.83
N CYS B 192 19.74 5.40 10.90
CA CYS B 192 20.73 4.32 11.05
C CYS B 192 22.09 4.98 11.15
N GLY B 193 22.17 6.30 11.25
CA GLY B 193 23.46 7.00 11.42
C GLY B 193 24.02 7.68 10.17
N GLY B 194 23.30 7.63 9.04
CA GLY B 194 23.75 8.23 7.78
C GLY B 194 24.32 7.21 6.82
N THR B 195 24.63 7.67 5.61
CA THR B 195 25.15 6.82 4.50
C THR B 195 26.41 5.98 4.77
N THR B 196 27.44 6.54 5.41
CA THR B 196 28.62 5.73 5.68
C THR B 196 28.28 4.58 6.62
N ARG B 197 27.67 4.93 7.75
CA ARG B 197 27.34 3.98 8.78
C ARG B 197 26.49 2.82 8.24
N ILE B 198 25.48 3.14 7.45
CA ILE B 198 24.63 2.10 6.95
C ILE B 198 25.39 1.16 5.96
N ILE B 199 26.13 1.70 4.99
CA ILE B 199 26.76 0.84 3.94
C ILE B 199 27.92 -0.06 4.43
N SER B 200 28.72 0.42 5.38
CA SER B 200 29.98 -0.23 5.74
C SER B 200 29.83 -1.70 6.20
N THR B 201 30.81 -2.54 5.85
CA THR B 201 31.05 -3.79 6.56
C THR B 201 31.96 -3.54 7.77
N THR B 202 33.24 -3.30 7.56
CA THR B 202 34.08 -2.81 8.67
C THR B 202 33.56 -1.45 9.14
N ASN B 203 33.17 -1.36 10.42
CA ASN B 203 32.66 -0.12 11.05
C ASN B 203 31.20 0.34 10.74
N GLY B 204 30.37 -0.52 10.13
CA GLY B 204 28.95 -0.22 9.89
C GLY B 204 28.05 -1.43 10.04
N GLY B 205 26.76 -1.31 9.76
CA GLY B 205 25.83 -2.43 10.03
C GLY B 205 26.11 -3.83 9.56
N GLN B 206 27.09 -4.01 8.67
CA GLN B 206 27.41 -5.35 8.10
C GLN B 206 28.61 -6.08 8.74
N GLU B 207 29.16 -5.51 9.83
CA GLU B 207 30.42 -6.02 10.40
C GLU B 207 30.38 -7.47 10.81
N ARG B 208 29.39 -7.87 11.56
CA ARG B 208 29.47 -9.12 12.27
C ARG B 208 28.24 -9.96 12.06
N LYS B 209 28.36 -11.24 12.38
CA LYS B 209 27.21 -12.14 12.51
C LYS B 209 27.29 -12.82 13.90
N PHE B 210 26.22 -13.52 14.28
CA PHE B 210 26.23 -14.35 15.49
C PHE B 210 26.72 -15.78 15.26
N VAL B 211 27.72 -16.18 16.06
CA VAL B 211 28.16 -17.57 16.07
C VAL B 211 26.93 -18.48 16.31
N GLY B 212 26.65 -19.35 15.35
CA GLY B 212 25.51 -20.27 15.44
C GLY B 212 24.18 -19.83 14.86
N GLY B 213 24.03 -18.56 14.50
CA GLY B 213 22.71 -18.12 13.97
C GLY B 213 21.97 -17.09 14.81
N SER B 214 21.46 -16.06 14.17
CA SER B 214 20.73 -14.98 14.84
C SER B 214 19.42 -15.49 15.47
N GLY B 215 18.92 -16.60 14.94
CA GLY B 215 17.68 -17.22 15.41
C GLY B 215 17.75 -17.70 16.85
N GLN B 216 18.98 -17.88 17.36
CA GLN B 216 19.21 -18.24 18.76
C GLN B 216 18.82 -17.12 19.70
N VAL B 217 18.60 -15.90 19.22
CA VAL B 217 18.16 -14.82 20.09
C VAL B 217 16.74 -15.08 20.56
N SER B 218 15.84 -15.37 19.62
CA SER B 218 14.44 -15.69 19.93
C SER B 218 14.30 -17.02 20.62
N GLU B 219 15.11 -18.00 20.20
CA GLU B 219 15.06 -19.38 20.66
C GLU B 219 15.38 -19.44 22.15
N ARG B 220 16.47 -18.82 22.53
CA ARG B 220 16.91 -18.76 23.90
C ARG B 220 15.95 -17.96 24.77
N ILE B 221 15.31 -16.92 24.24
CA ILE B 221 14.28 -16.23 25.04
C ILE B 221 13.09 -17.16 25.25
N MET B 222 12.67 -17.87 24.20
CA MET B 222 11.62 -18.88 24.35
C MET B 222 12.05 -19.96 25.36
N ASP B 223 13.36 -20.19 25.46
CA ASP B 223 13.86 -21.16 26.41
C ASP B 223 13.66 -20.60 27.81
N LEU B 224 14.08 -19.35 28.02
CA LEU B 224 13.86 -18.63 29.30
C LEU B 224 12.39 -18.51 29.73
N LEU B 225 11.45 -18.37 28.80
CA LEU B 225 10.02 -18.17 29.14
C LEU B 225 9.20 -19.45 29.33
N GLY B 226 9.84 -20.60 29.11
CA GLY B 226 9.15 -21.86 29.19
C GLY B 226 7.90 -21.93 28.32
N ASP B 227 6.80 -22.32 28.94
CA ASP B 227 5.56 -22.59 28.21
C ASP B 227 4.61 -21.38 28.15
N ARG B 228 5.17 -20.19 28.42
CA ARG B 228 4.46 -18.93 28.19
C ARG B 228 4.34 -18.57 26.69
N VAL B 229 5.29 -19.06 25.89
CA VAL B 229 5.31 -18.86 24.45
C VAL B 229 4.46 -19.93 23.80
N LYS B 230 3.40 -19.51 23.12
CA LYS B 230 2.48 -20.44 22.44
C LYS B 230 2.66 -20.40 20.93
N LEU B 231 3.28 -21.45 20.36
CA LEU B 231 3.43 -21.62 18.93
C LEU B 231 2.13 -22.07 18.24
N GLU B 232 1.99 -21.78 16.95
CA GLU B 232 0.81 -22.07 16.15
C GLU B 232 -0.44 -21.44 16.72
N ARG B 233 -0.25 -20.25 17.29
CA ARG B 233 -1.35 -19.42 17.75
C ARG B 233 -1.45 -18.08 17.01
N PRO B 234 -2.08 -18.11 15.80
CA PRO B 234 -2.27 -16.86 15.08
C PRO B 234 -3.47 -16.12 15.67
N VAL B 235 -3.21 -14.91 16.14
CA VAL B 235 -4.26 -14.05 16.64
C VAL B 235 -5.24 -13.63 15.53
N ILE B 236 -6.54 -13.75 15.79
CA ILE B 236 -7.58 -13.43 14.82
C ILE B 236 -8.59 -12.39 15.31
N TYR B 237 -8.60 -12.15 16.62
CA TYR B 237 -9.58 -11.25 17.20
C TYR B 237 -9.03 -10.52 18.41
N ILE B 238 -9.38 -9.24 18.54
CA ILE B 238 -9.04 -8.48 19.75
C ILE B 238 -10.22 -7.62 20.20
N ASP B 239 -10.72 -7.95 21.39
CA ASP B 239 -11.87 -7.30 22.01
C ASP B 239 -11.50 -6.44 23.22
N GLN B 240 -11.69 -5.13 23.10
CA GLN B 240 -11.32 -4.16 24.13
C GLN B 240 -12.55 -3.44 24.70
N THR B 241 -13.72 -4.07 24.59
CA THR B 241 -15.00 -3.43 24.97
C THR B 241 -15.29 -3.58 26.48
N ARG B 242 -14.73 -4.63 27.09
CA ARG B 242 -15.01 -4.99 28.49
C ARG B 242 -13.87 -4.55 29.39
N GLU B 243 -13.89 -5.03 30.64
CA GLU B 243 -12.93 -4.65 31.71
C GLU B 243 -11.47 -5.10 31.39
N ASN B 244 -11.35 -6.32 30.88
CA ASN B 244 -10.09 -6.87 30.40
C ASN B 244 -10.07 -6.99 28.87
N VAL B 245 -8.86 -6.97 28.30
CA VAL B 245 -8.68 -7.22 26.87
C VAL B 245 -8.75 -8.73 26.60
N LEU B 246 -9.57 -9.09 25.60
CA LEU B 246 -9.74 -10.45 25.13
C LEU B 246 -9.14 -10.68 23.76
N VAL B 247 -8.25 -11.66 23.68
CA VAL B 247 -7.54 -12.02 22.47
C VAL B 247 -7.92 -13.46 22.08
N GLU B 248 -8.41 -13.65 20.87
CA GLU B 248 -8.72 -14.97 20.38
C GLU B 248 -7.77 -15.42 19.27
N THR B 249 -7.35 -16.67 19.31
CA THR B 249 -6.46 -17.20 18.32
C THR B 249 -7.21 -18.14 17.38
N LEU B 250 -6.58 -18.54 16.29
CA LEU B 250 -7.28 -19.17 15.19
C LEU B 250 -7.81 -20.53 15.58
N ASN B 251 -7.05 -21.22 16.44
CA ASN B 251 -7.41 -22.53 16.98
C ASN B 251 -8.52 -22.53 18.03
N HIS B 252 -8.90 -21.33 18.45
CA HIS B 252 -10.13 -21.07 19.19
C HIS B 252 -9.87 -20.78 20.65
N GLU B 253 -8.60 -20.75 21.03
CA GLU B 253 -8.20 -20.40 22.39
C GLU B 253 -8.45 -18.93 22.66
N MET B 254 -8.57 -18.58 23.92
CA MET B 254 -8.95 -17.23 24.32
C MET B 254 -8.10 -16.81 25.48
N TYR B 255 -7.49 -15.65 25.39
CA TYR B 255 -6.60 -15.14 26.42
C TYR B 255 -7.12 -13.83 26.99
N GLU B 256 -6.87 -13.56 28.27
CA GLU B 256 -7.28 -12.30 28.88
C GLU B 256 -6.10 -11.61 29.47
N ALA B 257 -5.98 -10.32 29.19
CA ALA B 257 -4.92 -9.55 29.80
C ALA B 257 -5.37 -8.12 30.15
N LYS B 258 -4.50 -7.40 30.82
CA LYS B 258 -4.72 -6.02 31.13
C LYS B 258 -4.31 -5.17 29.94
N TYR B 259 -3.30 -5.64 29.21
CA TYR B 259 -2.70 -4.93 28.08
C TYR B 259 -2.22 -5.91 27.04
N VAL B 260 -2.14 -5.45 25.79
CA VAL B 260 -1.61 -6.21 24.66
C VAL B 260 -0.49 -5.46 23.98
N ILE B 261 0.56 -6.17 23.57
CA ILE B 261 1.56 -5.61 22.67
C ILE B 261 1.48 -6.28 21.30
N SER B 262 1.28 -5.47 20.25
CA SER B 262 1.31 -5.92 18.86
C SER B 262 2.73 -5.78 18.36
N ALA B 263 3.36 -6.93 18.11
CA ALA B 263 4.77 -7.01 17.76
C ALA B 263 4.97 -7.68 16.39
N ILE B 264 4.20 -7.22 15.42
CA ILE B 264 4.13 -7.83 14.11
C ILE B 264 4.24 -6.68 13.12
N PRO B 265 4.67 -6.95 11.87
CA PRO B 265 4.63 -5.86 10.88
C PRO B 265 3.30 -5.09 10.83
N PRO B 266 3.38 -3.75 10.69
CA PRO B 266 2.20 -2.92 10.79
C PRO B 266 1.06 -3.44 9.92
N THR B 267 1.36 -3.80 8.68
CA THR B 267 0.30 -4.18 7.75
C THR B 267 -0.37 -5.47 8.15
N LEU B 268 0.32 -6.31 8.94
CA LEU B 268 -0.21 -7.60 9.37
C LEU B 268 -1.29 -7.45 10.43
N GLY B 269 -1.36 -6.30 11.09
CA GLY B 269 -2.55 -5.96 11.90
C GLY B 269 -3.87 -6.11 11.13
N MET B 270 -3.77 -6.31 9.82
CA MET B 270 -4.93 -6.41 8.96
C MET B 270 -5.57 -7.79 9.13
N LYS B 271 -4.74 -8.73 9.59
CA LYS B 271 -5.08 -10.13 9.87
C LYS B 271 -5.85 -10.37 11.17
N ILE B 272 -5.98 -9.30 11.97
CA ILE B 272 -6.76 -9.28 13.20
C ILE B 272 -8.05 -8.46 13.02
N HIS B 273 -9.19 -9.05 13.43
CA HIS B 273 -10.49 -8.34 13.53
C HIS B 273 -10.57 -7.61 14.86
N PHE B 274 -11.03 -6.37 14.85
CA PHE B 274 -11.03 -5.56 16.07
C PHE B 274 -12.43 -5.20 16.57
N ASN B 275 -12.61 -5.30 17.89
CA ASN B 275 -13.81 -4.76 18.54
C ASN B 275 -13.35 -3.98 19.74
N PRO B 276 -13.64 -2.67 19.78
CA PRO B 276 -14.30 -1.88 18.75
C PRO B 276 -13.40 -1.65 17.51
N PRO B 277 -13.99 -1.23 16.38
CA PRO B 277 -13.19 -0.94 15.17
C PRO B 277 -12.00 -0.06 15.54
N LEU B 278 -10.91 -0.20 14.81
CA LEU B 278 -9.71 0.65 15.03
C LEU B 278 -10.01 2.14 14.76
N PRO B 279 -9.25 3.04 15.36
CA PRO B 279 -9.54 4.43 14.97
C PRO B 279 -9.29 4.59 13.47
N MET B 280 -9.93 5.57 12.84
CA MET B 280 -9.88 5.73 11.38
C MET B 280 -8.47 5.82 10.75
N MET B 281 -7.57 6.58 11.39
CA MET B 281 -6.24 6.71 10.85
C MET B 281 -5.53 5.38 10.77
N ARG B 282 -5.43 4.69 11.91
CA ARG B 282 -4.81 3.35 11.94
C ARG B 282 -5.52 2.37 11.01
N ASN B 283 -6.87 2.37 11.02
CA ASN B 283 -7.62 1.50 10.07
C ASN B 283 -7.05 1.59 8.67
N GLN B 284 -6.89 2.81 8.15
CA GLN B 284 -6.43 2.99 6.78
C GLN B 284 -4.90 2.88 6.71
N MET B 285 -4.18 3.34 7.75
CA MET B 285 -2.68 3.23 7.79
C MET B 285 -2.22 1.79 7.45
N ILE B 286 -2.75 0.78 8.12
CA ILE B 286 -2.33 -0.63 7.91
C ILE B 286 -2.58 -1.23 6.49
N THR B 287 -3.22 -0.46 5.61
CA THR B 287 -3.46 -0.89 4.19
C THR B 287 -2.52 -0.20 3.23
N ARG B 288 -1.79 0.75 3.79
CA ARG B 288 -0.92 1.65 3.03
C ARG B 288 0.60 1.45 3.26
N VAL B 289 0.97 0.33 3.89
CA VAL B 289 2.36 0.14 4.34
C VAL B 289 2.86 -1.30 4.08
N PRO B 290 3.32 -1.59 2.84
CA PRO B 290 3.85 -2.87 2.39
C PRO B 290 5.30 -3.14 2.83
N LEU B 291 5.74 -4.40 2.71
CA LEU B 291 7.15 -4.75 2.90
C LEU B 291 7.96 -5.05 1.62
N GLY B 292 9.34 -4.93 1.73
CA GLY B 292 10.16 -5.23 0.59
C GLY B 292 10.11 -6.62 -0.02
N SER B 293 10.81 -6.78 -1.15
CA SER B 293 10.80 -8.06 -1.83
C SER B 293 12.21 -8.52 -2.00
N VAL B 294 12.53 -9.70 -1.45
CA VAL B 294 13.92 -10.22 -1.51
C VAL B 294 13.95 -11.75 -1.42
N ILE B 295 14.76 -12.38 -2.27
CA ILE B 295 15.20 -13.78 -2.07
C ILE B 295 16.62 -13.77 -1.49
N LYS B 296 16.83 -14.39 -0.33
CA LYS B 296 18.18 -14.50 0.21
C LYS B 296 18.79 -15.86 -0.18
N CYS B 297 19.95 -15.83 -0.83
CA CYS B 297 20.51 -17.00 -1.54
C CYS B 297 21.95 -17.28 -1.10
N ILE B 298 22.27 -18.55 -0.79
CA ILE B 298 23.60 -18.92 -0.27
C ILE B 298 24.14 -20.15 -1.02
N VAL B 299 25.16 -19.94 -1.85
CA VAL B 299 25.84 -20.98 -2.62
C VAL B 299 27.10 -21.44 -1.88
N TYR B 300 27.24 -22.77 -1.72
CA TYR B 300 28.37 -23.43 -1.00
C TYR B 300 29.43 -24.04 -1.90
N TYR B 301 30.68 -23.89 -1.49
CA TYR B 301 31.85 -24.29 -2.27
C TYR B 301 32.78 -25.15 -1.39
N LYS B 302 33.63 -25.96 -2.03
CA LYS B 302 34.67 -26.74 -1.32
C LYS B 302 35.58 -25.85 -0.47
N GLU B 303 36.13 -24.81 -1.11
CA GLU B 303 36.98 -23.82 -0.47
C GLU B 303 36.37 -22.44 -0.65
N PRO B 304 36.87 -21.46 0.15
CA PRO B 304 36.65 -20.05 -0.16
C PRO B 304 37.69 -19.57 -1.22
N PHE B 305 37.48 -20.04 -2.45
CA PHE B 305 38.47 -19.92 -3.53
C PHE B 305 38.89 -18.50 -3.88
N TRP B 306 37.96 -17.57 -3.67
CA TRP B 306 38.13 -16.18 -4.01
C TRP B 306 39.26 -15.50 -3.24
N ARG B 307 39.57 -16.00 -2.04
CA ARG B 307 40.60 -15.37 -1.14
C ARG B 307 41.99 -15.59 -1.68
N LYS B 308 42.10 -16.69 -2.43
CA LYS B 308 43.28 -17.04 -3.18
C LYS B 308 43.67 -15.95 -4.19
N LYS B 309 42.66 -15.40 -4.88
CA LYS B 309 42.82 -14.30 -5.84
C LYS B 309 42.82 -12.93 -5.16
N ASP B 310 42.78 -12.93 -3.83
CA ASP B 310 42.80 -11.71 -3.02
C ASP B 310 41.50 -10.90 -3.08
N TYR B 311 40.38 -11.61 -3.29
CA TYR B 311 39.04 -11.09 -3.14
C TYR B 311 38.42 -11.54 -1.79
N CYS B 312 37.62 -10.72 -1.13
CA CYS B 312 37.06 -11.09 0.14
C CYS B 312 35.75 -11.84 0.01
N GLY B 313 35.03 -11.56 -1.06
CA GLY B 313 33.74 -12.16 -1.26
C GLY B 313 32.68 -11.10 -1.41
N THR B 314 32.99 -9.83 -1.04
CA THR B 314 32.07 -8.68 -1.27
C THR B 314 32.06 -8.26 -2.74
N MET B 315 30.87 -8.20 -3.32
CA MET B 315 30.67 -7.83 -4.71
C MET B 315 29.53 -6.86 -4.82
N ILE B 316 29.80 -5.74 -5.49
CA ILE B 316 28.77 -4.74 -5.80
C ILE B 316 28.54 -4.88 -7.30
N ILE B 317 27.38 -5.38 -7.69
CA ILE B 317 27.21 -5.75 -9.08
C ILE B 317 26.08 -4.93 -9.73
N ASP B 318 26.50 -4.05 -10.64
CA ASP B 318 25.65 -3.16 -11.37
C ASP B 318 24.88 -3.77 -12.55
N GLY B 319 23.72 -3.20 -12.83
CA GLY B 319 22.99 -3.49 -14.06
C GLY B 319 21.87 -4.48 -14.00
N GLU B 320 20.92 -4.39 -14.92
CA GLU B 320 19.70 -5.20 -14.89
C GLU B 320 19.87 -6.72 -15.09
N GLU B 321 20.84 -7.11 -15.90
CA GLU B 321 21.03 -8.52 -16.27
C GLU B 321 21.44 -9.40 -15.07
N ALA B 322 22.10 -8.78 -14.07
CA ALA B 322 22.60 -9.48 -12.86
C ALA B 322 21.44 -9.80 -11.90
N PRO B 323 21.21 -11.13 -11.58
CA PRO B 323 20.21 -11.56 -10.57
C PRO B 323 20.44 -10.97 -9.18
N VAL B 324 21.72 -10.84 -8.83
CA VAL B 324 22.15 -10.46 -7.53
C VAL B 324 22.99 -9.21 -7.64
N ALA B 325 22.63 -8.19 -6.86
CA ALA B 325 23.31 -6.93 -6.90
C ALA B 325 24.43 -6.79 -5.90
N TYR B 326 24.49 -7.66 -4.89
CA TYR B 326 25.36 -7.52 -3.76
C TYR B 326 25.59 -8.88 -3.14
N THR B 327 26.84 -9.12 -2.73
CA THR B 327 27.20 -10.39 -2.10
C THR B 327 28.16 -10.18 -0.94
N LEU B 328 28.22 -11.20 -0.06
CA LEU B 328 29.20 -11.26 1.03
C LEU B 328 29.64 -12.70 1.23
N ASP B 329 30.87 -12.85 1.70
CA ASP B 329 31.47 -14.10 2.14
C ASP B 329 30.67 -14.68 3.34
N ASP B 330 30.18 -15.91 3.24
CA ASP B 330 29.33 -16.50 4.29
C ASP B 330 29.96 -17.71 4.97
N THR B 331 31.26 -17.84 4.81
CA THR B 331 32.03 -18.93 5.35
C THR B 331 31.98 -18.79 6.85
N LYS B 332 31.83 -19.92 7.55
CA LYS B 332 32.00 -20.00 9.03
C LYS B 332 33.32 -19.39 9.44
N PRO B 333 33.37 -18.85 10.66
CA PRO B 333 34.60 -18.21 11.17
C PRO B 333 35.80 -19.13 11.18
N GLU B 334 35.55 -20.43 11.25
CA GLU B 334 36.64 -21.40 11.35
C GLU B 334 37.28 -21.64 9.99
N GLY B 335 36.61 -21.18 8.92
CA GLY B 335 37.15 -21.21 7.57
C GLY B 335 36.62 -22.34 6.72
N ASN B 336 35.63 -23.05 7.25
CA ASN B 336 34.99 -24.14 6.55
C ASN B 336 33.53 -23.83 6.22
N TYR B 337 32.83 -24.73 5.53
CA TYR B 337 31.52 -24.43 4.96
C TYR B 337 31.54 -23.15 4.09
N ALA B 338 32.62 -23.01 3.31
CA ALA B 338 32.83 -21.87 2.43
C ALA B 338 31.58 -21.54 1.63
N ALA B 339 31.16 -20.28 1.62
CA ALA B 339 29.94 -19.86 0.92
C ALA B 339 29.96 -18.42 0.50
N ILE B 340 29.12 -18.11 -0.48
CA ILE B 340 28.86 -16.74 -0.89
C ILE B 340 27.37 -16.52 -0.69
N MET B 341 27.04 -15.46 0.08
CA MET B 341 25.70 -14.94 0.30
C MET B 341 25.39 -13.77 -0.70
N GLY B 342 24.18 -13.83 -1.27
CA GLY B 342 23.71 -12.78 -2.12
C GLY B 342 22.21 -12.59 -2.10
N PHE B 343 21.78 -11.35 -2.35
CA PHE B 343 20.36 -10.93 -2.34
C PHE B 343 19.80 -10.77 -3.75
N ILE B 344 18.61 -11.28 -4.02
CA ILE B 344 17.93 -10.93 -5.25
C ILE B 344 16.85 -9.93 -4.87
N LEU B 345 17.02 -8.67 -5.31
CA LEU B 345 16.32 -7.51 -4.73
C LEU B 345 15.12 -6.97 -5.51
N ALA B 346 14.08 -6.51 -4.80
CA ALA B 346 12.98 -5.77 -5.38
C ALA B 346 12.43 -6.57 -6.56
N HIS B 347 12.20 -5.92 -7.72
CA HIS B 347 11.54 -6.50 -8.89
C HIS B 347 12.20 -7.76 -9.42
N LYS B 348 13.52 -7.88 -9.19
CA LYS B 348 14.22 -9.08 -9.61
C LYS B 348 13.80 -10.28 -8.79
N ALA B 349 13.30 -10.04 -7.59
CA ALA B 349 12.81 -11.10 -6.74
C ALA B 349 11.50 -11.64 -7.29
N ARG B 350 10.71 -10.77 -7.90
CA ARG B 350 9.42 -11.14 -8.48
C ARG B 350 9.58 -11.92 -9.77
N LYS B 351 10.57 -11.51 -10.56
CA LYS B 351 10.78 -12.07 -11.88
C LYS B 351 11.40 -13.44 -11.74
N LEU B 352 12.46 -13.53 -10.95
CA LEU B 352 13.23 -14.77 -10.78
C LEU B 352 12.58 -15.88 -9.95
N ALA B 353 11.53 -15.55 -9.19
CA ALA B 353 10.70 -16.56 -8.51
C ALA B 353 10.00 -17.54 -9.44
N ARG B 354 9.74 -17.14 -10.68
CA ARG B 354 9.11 -18.03 -11.67
C ARG B 354 10.03 -19.21 -12.00
N LEU B 355 11.34 -19.02 -11.86
CA LEU B 355 12.31 -20.07 -12.10
C LEU B 355 12.25 -21.16 -11.02
N THR B 356 12.84 -22.32 -11.31
CA THR B 356 13.06 -23.37 -10.32
C THR B 356 14.29 -23.03 -9.48
N LYS B 357 14.44 -23.65 -8.33
CA LYS B 357 15.56 -23.47 -7.44
C LYS B 357 16.88 -23.69 -8.16
N GLU B 358 16.88 -24.69 -9.04
CA GLU B 358 18.11 -25.18 -9.70
C GLU B 358 18.51 -24.23 -10.83
N GLU B 359 17.49 -23.66 -11.49
CA GLU B 359 17.66 -22.60 -12.48
C GLU B 359 18.26 -21.34 -11.87
N ARG B 360 17.80 -20.92 -10.70
CA ARG B 360 18.42 -19.77 -10.00
C ARG B 360 19.85 -20.04 -9.54
N LEU B 361 20.13 -21.28 -9.13
CA LEU B 361 21.46 -21.64 -8.71
C LEU B 361 22.47 -21.46 -9.87
N LYS B 362 22.05 -21.91 -11.06
CA LYS B 362 22.82 -21.77 -12.29
C LYS B 362 23.17 -20.30 -12.60
N LYS B 363 22.15 -19.42 -12.58
CA LYS B 363 22.36 -18.02 -12.92
C LYS B 363 23.34 -17.33 -11.98
N LEU B 364 23.30 -17.74 -10.72
CA LEU B 364 24.07 -17.16 -9.66
C LEU B 364 25.51 -17.60 -9.70
N CYS B 365 25.76 -18.86 -10.04
CA CYS B 365 27.12 -19.37 -10.28
C CYS B 365 27.76 -18.83 -11.55
N GLU B 366 27.03 -18.87 -12.66
CA GLU B 366 27.48 -18.18 -13.87
C GLU B 366 27.87 -16.74 -13.57
N LEU B 367 26.95 -16.02 -12.91
CA LEU B 367 27.22 -14.67 -12.46
C LEU B 367 28.52 -14.53 -11.65
N TYR B 368 28.70 -15.36 -10.62
CA TYR B 368 29.80 -15.23 -9.66
C TYR B 368 31.08 -15.58 -10.33
N ALA B 369 30.98 -16.53 -11.27
CA ALA B 369 32.12 -16.89 -12.16
C ALA B 369 32.62 -15.70 -12.99
N LYS B 370 31.66 -14.98 -13.58
CA LYS B 370 31.99 -13.79 -14.31
C LYS B 370 32.68 -12.74 -13.43
N VAL B 371 32.09 -12.45 -12.26
CA VAL B 371 32.46 -11.32 -11.44
C VAL B 371 33.76 -11.60 -10.67
N LEU B 372 33.92 -12.86 -10.25
CA LEU B 372 35.12 -13.37 -9.63
C LEU B 372 36.24 -13.81 -10.60
N GLY B 373 35.85 -14.23 -11.80
CA GLY B 373 36.79 -14.60 -12.84
C GLY B 373 37.39 -15.92 -12.48
N SER B 374 36.50 -16.83 -12.11
CA SER B 374 36.83 -18.16 -11.60
C SER B 374 35.87 -19.18 -12.09
N LEU B 375 36.42 -20.19 -12.74
CA LEU B 375 35.70 -21.36 -13.10
C LEU B 375 35.20 -22.13 -11.86
N GLU B 376 35.92 -21.95 -10.75
CA GLU B 376 35.57 -22.64 -9.51
C GLU B 376 34.17 -22.32 -9.03
N ALA B 377 33.68 -21.14 -9.40
CA ALA B 377 32.38 -20.63 -9.02
C ALA B 377 31.23 -21.41 -9.64
N LEU B 378 31.58 -22.19 -10.67
CA LEU B 378 30.65 -23.00 -11.43
C LEU B 378 30.50 -24.40 -10.84
N GLU B 379 31.28 -24.66 -9.77
CA GLU B 379 31.28 -25.95 -9.03
C GLU B 379 30.71 -25.89 -7.59
N PRO B 380 29.41 -25.56 -7.43
CA PRO B 380 28.84 -25.47 -6.07
C PRO B 380 28.59 -26.85 -5.43
N VAL B 381 28.78 -26.97 -4.11
CA VAL B 381 28.51 -28.26 -3.38
C VAL B 381 27.11 -28.35 -2.73
N HIS B 382 26.53 -27.19 -2.43
CA HIS B 382 25.24 -27.12 -1.79
C HIS B 382 24.59 -25.75 -2.04
N TYR B 383 23.24 -25.70 -2.00
CA TYR B 383 22.52 -24.45 -2.10
C TYR B 383 21.31 -24.32 -1.19
N GLU B 384 21.25 -23.22 -0.42
CA GLU B 384 20.03 -22.79 0.32
C GLU B 384 19.61 -21.36 -0.06
N GLU B 385 18.30 -21.15 -0.10
CA GLU B 385 17.71 -19.91 -0.50
C GLU B 385 16.37 -19.69 0.23
N LYS B 386 16.04 -18.41 0.53
CA LYS B 386 14.71 -18.09 1.04
C LYS B 386 14.00 -16.89 0.38
N ASN B 387 12.85 -17.17 -0.22
CA ASN B 387 12.00 -16.14 -0.79
C ASN B 387 11.00 -15.60 0.20
N TRP B 388 11.32 -14.48 0.83
CA TRP B 388 10.49 -13.95 1.91
C TRP B 388 9.15 -13.40 1.46
N CYS B 389 8.97 -13.20 0.16
CA CYS B 389 7.71 -12.65 -0.38
C CYS B 389 6.59 -13.64 -0.21
N GLU B 390 6.90 -14.92 -0.04
CA GLU B 390 5.84 -15.93 0.06
C GLU B 390 5.27 -16.10 1.45
N GLU B 391 5.94 -15.48 2.41
CA GLU B 391 5.61 -15.57 3.85
C GLU B 391 4.36 -14.83 4.31
N GLN B 392 3.35 -15.59 4.74
CA GLN B 392 2.02 -15.05 5.12
C GLN B 392 2.12 -14.18 6.37
N TYR B 393 3.00 -14.59 7.30
CA TYR B 393 3.13 -13.92 8.59
C TYR B 393 4.39 -13.05 8.66
N SER B 394 5.01 -12.81 7.51
CA SER B 394 5.91 -11.64 7.30
C SER B 394 5.37 -10.60 6.32
N GLY B 395 4.99 -11.03 5.11
CA GLY B 395 4.65 -10.08 4.04
C GLY B 395 5.82 -9.64 3.15
N GLY B 396 7.05 -9.99 3.52
CA GLY B 396 8.23 -9.56 2.81
C GLY B 396 9.44 -9.36 3.71
N CYS B 397 10.43 -8.69 3.19
CA CYS B 397 11.66 -8.41 3.93
C CYS B 397 12.41 -7.38 3.15
N TYR B 398 13.35 -6.68 3.80
CA TYR B 398 13.62 -6.78 5.22
C TYR B 398 12.58 -6.13 6.07
N THR B 399 12.06 -4.99 5.61
CA THR B 399 11.11 -4.20 6.40
C THR B 399 9.98 -3.56 5.58
N THR B 400 9.19 -2.74 6.28
CA THR B 400 8.08 -1.96 5.75
C THR B 400 8.61 -0.67 5.13
N TYR B 401 8.13 -0.37 3.92
CA TYR B 401 8.44 0.90 3.25
C TYR B 401 7.14 1.73 3.12
N PHE B 402 7.30 3.04 2.97
CA PHE B 402 6.24 3.99 2.81
C PHE B 402 6.29 4.52 1.38
N PRO B 403 5.19 4.36 0.61
CA PRO B 403 5.06 5.01 -0.67
C PRO B 403 4.73 6.48 -0.55
N PRO B 404 4.61 7.16 -1.75
CA PRO B 404 4.40 8.55 -1.82
C PRO B 404 3.19 9.00 -1.08
N GLY B 405 3.38 10.04 -0.28
CA GLY B 405 2.21 10.63 0.41
C GLY B 405 1.79 10.18 1.79
N ILE B 406 1.93 8.87 2.07
CA ILE B 406 1.67 8.16 3.35
C ILE B 406 2.41 8.58 4.66
N LEU B 407 3.72 8.62 4.67
CA LEU B 407 4.42 8.99 5.95
C LEU B 407 3.95 10.26 6.66
N THR B 408 3.83 11.36 5.95
CA THR B 408 3.32 12.60 6.54
C THR B 408 1.82 12.45 6.94
N GLN B 409 1.04 11.66 6.21
CA GLN B 409 -0.37 11.54 6.63
C GLN B 409 -0.57 10.57 7.80
N TYR B 410 0.13 9.45 7.81
CA TYR B 410 -0.19 8.36 8.73
C TYR B 410 0.96 7.99 9.69
N GLY B 411 2.12 8.63 9.52
CA GLY B 411 3.31 8.31 10.30
C GLY B 411 3.07 8.34 11.79
N ARG B 412 2.58 9.47 12.29
CA ARG B 412 2.19 9.66 13.69
C ARG B 412 1.47 8.47 14.35
N VAL B 413 0.59 7.83 13.59
CA VAL B 413 -0.28 6.76 14.05
C VAL B 413 0.48 5.49 14.40
N LEU B 414 1.71 5.35 13.88
CA LEU B 414 2.43 4.06 13.92
C LEU B 414 2.48 3.42 15.31
N ARG B 415 2.98 4.18 16.27
CA ARG B 415 3.16 3.64 17.61
C ARG B 415 2.32 4.36 18.64
N GLN B 416 1.23 4.98 18.18
CA GLN B 416 0.20 5.49 19.06
C GLN B 416 -0.56 4.31 19.64
N PRO B 417 -0.71 4.23 21.00
CA PRO B 417 -1.52 3.13 21.56
C PRO B 417 -2.99 3.22 21.17
N VAL B 418 -3.63 2.08 20.96
CA VAL B 418 -5.09 2.04 20.75
C VAL B 418 -5.77 1.42 21.99
N ASP B 419 -6.23 2.31 22.91
CA ASP B 419 -6.71 1.93 24.27
C ASP B 419 -5.63 1.21 25.10
N ARG B 420 -5.75 -0.12 25.23
CA ARG B 420 -4.75 -0.93 25.93
C ARG B 420 -3.74 -1.72 25.04
N ILE B 421 -3.86 -1.58 23.71
CA ILE B 421 -2.84 -2.12 22.79
C ILE B 421 -1.68 -1.13 22.62
N TYR B 422 -0.46 -1.62 22.87
CA TYR B 422 0.78 -0.87 22.61
C TYR B 422 1.54 -1.52 21.43
N PHE B 423 2.39 -0.76 20.73
CA PHE B 423 3.02 -1.24 19.50
C PHE B 423 4.55 -1.32 19.53
N ALA B 424 5.01 -2.54 19.26
CA ALA B 424 6.42 -2.79 19.08
C ALA B 424 6.66 -3.19 17.59
N GLY B 425 7.70 -3.98 17.31
CA GLY B 425 8.08 -4.29 15.93
C GLY B 425 9.19 -3.35 15.52
N THR B 426 10.09 -3.78 14.66
CA THR B 426 11.16 -2.90 14.24
C THR B 426 10.69 -1.62 13.56
N GLU B 427 9.57 -1.68 12.86
CA GLU B 427 9.00 -0.49 12.20
C GLU B 427 8.78 0.71 13.09
N THR B 428 8.57 0.49 14.39
CA THR B 428 8.20 1.58 15.31
C THR B 428 9.41 2.09 16.07
N ALA B 429 10.62 1.73 15.64
CA ALA B 429 11.85 2.14 16.30
C ALA B 429 12.30 3.48 15.77
N THR B 430 13.27 4.10 16.44
CA THR B 430 13.69 5.43 16.03
C THR B 430 15.19 5.44 15.77
N HIS B 431 15.86 4.30 16.01
CA HIS B 431 17.27 4.09 15.70
C HIS B 431 17.48 2.63 15.19
N TRP B 432 17.90 2.49 13.93
CA TRP B 432 18.07 1.20 13.29
C TRP B 432 16.73 0.52 13.16
N SER B 433 15.66 1.31 12.95
CA SER B 433 14.38 0.72 12.51
C SER B 433 14.60 -0.16 11.27
N GLY B 434 13.88 -1.27 11.15
CA GLY B 434 14.12 -2.22 10.06
C GLY B 434 15.26 -3.25 10.27
N PHE B 435 16.05 -3.06 11.31
CA PHE B 435 17.07 -4.03 11.71
C PHE B 435 16.66 -4.78 12.99
N MET B 436 17.49 -5.75 13.41
CA MET B 436 17.26 -6.52 14.67
C MET B 436 17.40 -5.58 15.83
N GLU B 437 18.37 -4.69 15.76
CA GLU B 437 18.54 -3.63 16.72
C GLU B 437 17.26 -2.83 17.02
N GLY B 438 16.54 -2.45 15.98
CA GLY B 438 15.34 -1.66 16.14
C GLY B 438 14.24 -2.48 16.75
N ALA B 439 14.25 -3.78 16.47
CA ALA B 439 13.29 -4.75 17.02
C ALA B 439 13.39 -4.86 18.54
N VAL B 440 14.62 -4.74 19.08
CA VAL B 440 14.85 -4.75 20.49
C VAL B 440 14.41 -3.40 21.09
N GLU B 441 14.90 -2.29 20.53
CA GLU B 441 14.47 -0.94 20.94
C GLU B 441 12.95 -0.81 21.09
N ALA B 442 12.21 -1.19 20.07
CA ALA B 442 10.76 -1.01 20.10
C ALA B 442 10.02 -1.97 21.02
N GLY B 443 10.65 -3.08 21.37
CA GLY B 443 9.95 -4.06 22.17
C GLY B 443 10.07 -3.71 23.65
N GLU B 444 11.29 -3.32 24.01
CA GLU B 444 11.61 -2.81 25.31
C GLU B 444 10.91 -1.49 25.63
N ARG B 445 10.70 -0.62 24.63
CA ARG B 445 9.97 0.62 24.81
C ARG B 445 8.49 0.37 25.02
N ALA B 446 7.88 -0.48 24.23
CA ALA B 446 6.47 -0.79 24.40
C ALA B 446 6.23 -1.45 25.74
N ALA B 447 7.27 -2.11 26.28
CA ALA B 447 7.17 -2.89 27.51
C ALA B 447 7.12 -1.94 28.68
N ARG B 448 8.01 -0.96 28.61
CA ARG B 448 8.08 0.16 29.54
C ARG B 448 6.89 1.16 29.44
N GLU B 449 6.21 1.19 28.30
CA GLU B 449 4.99 1.99 28.17
C GLU B 449 3.90 1.38 29.02
N ILE B 450 3.72 0.07 28.92
CA ILE B 450 2.81 -0.68 29.76
C ILE B 450 3.23 -0.64 31.23
N LEU B 451 4.51 -0.84 31.52
CA LEU B 451 5.01 -0.65 32.87
C LEU B 451 4.60 0.72 33.46
N HIS B 452 4.87 1.80 32.72
CA HIS B 452 4.43 3.14 33.12
C HIS B 452 2.92 3.28 33.32
N ALA B 453 2.12 2.77 32.38
CA ALA B 453 0.66 2.79 32.48
C ALA B 453 0.17 2.12 33.76
N MET B 454 1.00 1.22 34.28
CA MET B 454 0.73 0.52 35.53
C MET B 454 1.40 1.18 36.75
N GLY B 455 1.86 2.40 36.57
CA GLY B 455 2.48 3.15 37.65
C GLY B 455 3.77 2.57 38.22
N LYS B 456 4.32 1.54 37.59
CA LYS B 456 5.57 0.94 38.09
C LYS B 456 6.84 1.77 37.83
N ILE B 457 6.83 2.64 36.81
CA ILE B 457 7.98 3.52 36.49
C ILE B 457 7.49 4.91 36.10
N PRO B 458 8.36 5.94 36.25
CA PRO B 458 7.99 7.29 35.81
C PRO B 458 7.96 7.40 34.28
N GLU B 459 7.53 8.55 33.75
CA GLU B 459 7.49 8.76 32.29
C GLU B 459 8.87 8.83 31.66
N ASP B 460 9.79 9.50 32.35
CA ASP B 460 11.17 9.65 31.88
C ASP B 460 11.90 8.32 31.60
N GLU B 461 11.44 7.21 32.19
CA GLU B 461 12.06 5.91 32.03
C GLU B 461 11.52 5.04 30.85
N ILE B 462 10.45 5.49 30.19
CA ILE B 462 9.88 4.80 29.01
C ILE B 462 10.89 4.66 27.84
N TRP B 463 11.51 5.78 27.44
CA TRP B 463 12.64 5.78 26.52
C TRP B 463 13.94 5.87 27.29
N GLN B 464 14.82 4.92 27.03
CA GLN B 464 16.02 4.67 27.82
C GLN B 464 17.21 4.51 26.91
N SER B 465 18.35 5.12 27.24
CA SER B 465 19.51 4.99 26.35
C SER B 465 20.23 3.66 26.61
N GLU B 466 21.23 3.34 25.79
CA GLU B 466 21.98 2.09 25.86
C GLU B 466 23.52 2.32 25.84
N PRO B 467 24.23 1.75 26.83
CA PRO B 467 25.68 1.87 26.88
C PRO B 467 26.38 1.24 25.64
N GLU B 468 27.45 1.89 25.16
CA GLU B 468 28.21 1.36 24.03
C GLU B 468 28.82 -0.02 24.35
N SER B 469 28.49 -1.03 23.54
CA SER B 469 29.19 -2.31 23.56
C SER B 469 30.72 -2.11 23.70
N VAL B 470 31.35 -3.00 24.44
CA VAL B 470 32.81 -2.95 24.67
C VAL B 470 33.51 -3.90 23.71
N ASP B 471 32.78 -4.92 23.28
CA ASP B 471 33.24 -5.90 22.27
C ASP B 471 33.21 -5.38 20.82
N VAL B 472 32.16 -4.61 20.50
CA VAL B 472 32.00 -4.00 19.20
C VAL B 472 31.89 -2.48 19.37
N PRO B 473 33.02 -1.83 19.66
CA PRO B 473 32.94 -0.40 19.86
C PRO B 473 32.78 0.32 18.51
N ALA B 474 32.42 1.60 18.53
CA ALA B 474 32.17 2.37 17.31
C ALA B 474 33.11 3.56 17.16
N GLN B 475 33.84 3.57 16.04
CA GLN B 475 34.61 4.73 15.56
C GLN B 475 33.65 5.78 14.97
N PRO B 476 34.00 7.09 15.10
CA PRO B 476 33.07 8.12 14.63
C PRO B 476 33.23 8.41 13.13
N ILE B 477 32.18 8.94 12.51
CA ILE B 477 32.17 9.16 11.05
C ILE B 477 32.89 10.47 10.73
N THR B 478 33.86 10.38 9.82
CA THR B 478 34.72 11.53 9.48
C THR B 478 34.67 11.87 8.00
N THR B 479 34.68 13.17 7.70
CA THR B 479 34.75 13.64 6.32
C THR B 479 35.98 14.50 6.07
N THR B 480 36.66 14.24 4.95
CA THR B 480 37.82 15.02 4.50
C THR B 480 37.37 16.42 4.07
N PHE B 481 38.30 17.36 3.94
CA PHE B 481 37.95 18.76 3.68
C PHE B 481 37.33 18.99 2.28
N LEU B 482 37.87 18.28 1.29
CA LEU B 482 37.38 18.40 -0.08
C LEU B 482 35.97 17.83 -0.21
N GLU B 483 35.76 16.59 0.25
CA GLU B 483 34.43 15.95 0.29
C GLU B 483 33.37 16.92 0.75
N ARG B 484 33.66 17.61 1.84
CA ARG B 484 32.70 18.51 2.45
C ARG B 484 32.45 19.77 1.60
N HIS B 485 33.42 20.15 0.77
CA HIS B 485 33.46 21.48 0.13
C HIS B 485 33.51 21.51 -1.40
N LEU B 486 33.99 20.46 -2.06
CA LEU B 486 33.93 20.40 -3.52
C LEU B 486 32.53 20.69 -4.03
N PRO B 487 32.42 21.38 -5.18
CA PRO B 487 31.12 21.75 -5.71
C PRO B 487 30.41 20.56 -6.32
N SER B 488 29.11 20.67 -6.53
CA SER B 488 28.37 19.73 -7.33
C SER B 488 28.64 19.98 -8.81
N VAL B 489 28.19 19.08 -9.68
CA VAL B 489 28.25 19.37 -11.11
C VAL B 489 27.57 20.71 -11.49
N PRO B 490 26.28 20.95 -11.11
CA PRO B 490 25.69 22.29 -11.31
C PRO B 490 26.33 23.44 -10.50
N GLY B 491 27.01 23.11 -9.41
CA GLY B 491 27.76 24.10 -8.64
C GLY B 491 28.96 24.52 -9.46
N LEU B 492 29.54 23.57 -10.19
CA LEU B 492 30.73 23.80 -11.01
C LEU B 492 30.36 24.47 -12.30
N LEU B 493 29.16 24.19 -12.80
CA LEU B 493 28.64 24.95 -13.94
C LEU B 493 28.39 26.44 -13.60
N ARG B 494 27.66 26.73 -12.51
CA ARG B 494 27.45 28.10 -11.98
C ARG B 494 28.78 28.84 -11.76
N LEU B 495 29.85 28.12 -11.41
CA LEU B 495 31.14 28.74 -11.15
C LEU B 495 31.83 29.02 -12.48
N ILE B 496 31.66 28.13 -13.45
CA ILE B 496 32.06 28.40 -14.81
C ILE B 496 31.07 29.41 -15.40
PA FAD C . -18.40 -3.86 -1.43
O1A FAD C . -17.37 -3.34 -0.47
O2A FAD C . -19.51 -2.85 -1.74
O5B FAD C . -19.07 -5.21 -0.78
C5B FAD C . -18.31 -6.26 -0.23
C4B FAD C . -18.79 -6.75 1.13
O4B FAD C . -17.78 -7.58 1.66
C3B FAD C . -19.05 -5.67 2.21
O3B FAD C . -20.42 -5.70 2.55
C2B FAD C . -18.22 -6.09 3.40
O2B FAD C . -18.89 -5.93 4.62
C1B FAD C . -17.91 -7.55 3.10
N9A FAD C . -16.72 -8.09 3.78
C8A FAD C . -15.48 -7.46 3.95
N7A FAD C . -14.64 -8.30 4.62
C5A FAD C . -15.28 -9.46 4.90
C6A FAD C . -14.94 -10.66 5.56
N6A FAD C . -13.69 -10.98 5.96
N1A FAD C . -15.91 -11.66 5.62
C2A FAD C . -17.16 -11.50 5.12
N3A FAD C . -17.47 -10.33 4.49
C4A FAD C . -16.59 -9.33 4.37
N1 FAD C . -20.14 3.74 -7.37
C2 FAD C . -21.08 4.12 -8.35
O2 FAD C . -21.35 3.39 -9.31
N3 FAD C . -21.67 5.36 -8.30
C4 FAD C . -21.48 6.19 -7.25
O4 FAD C . -22.10 7.28 -7.20
C4X FAD C . -20.53 5.83 -6.26
N5 FAD C . -20.20 6.70 -5.19
C5X FAD C . -19.24 6.35 -4.24
C6 FAD C . -19.18 7.12 -3.09
C7 FAD C . -18.86 6.58 -1.86
C7M FAD C . -18.85 7.60 -0.75
C8 FAD C . -18.54 5.21 -1.73
C8M FAD C . -18.11 4.44 -0.49
C9 FAD C . -18.59 4.47 -2.91
C9A FAD C . -18.92 5.02 -4.15
N10 FAD C . -18.98 4.25 -5.31
C10 FAD C . -19.88 4.59 -6.31
C1' FAD C . -18.30 2.92 -5.36
C2' FAD C . -19.33 1.81 -5.16
O2' FAD C . -19.95 2.03 -3.93
C3' FAD C . -18.60 0.47 -5.04
O3' FAD C . -17.80 0.36 -6.19
C4' FAD C . -19.56 -0.70 -5.07
O4' FAD C . -20.53 -0.59 -4.05
C5' FAD C . -18.71 -1.98 -5.08
O5' FAD C . -19.17 -3.00 -4.22
P FAD C . -18.48 -4.45 -4.18
O1P FAD C . -19.53 -5.51 -4.08
O2P FAD C . -17.68 -4.65 -5.46
O3P FAD C . -17.68 -4.35 -2.78
C13 RSA D . -19.79 7.64 -5.97
C12 RSA D . -19.50 8.02 -7.20
C11 RSA D . -18.90 9.39 -7.50
N10 RSA D . -18.55 9.69 -8.70
C9 RSA D . -17.94 11.01 -8.82
C1 RSA D . -18.87 12.25 -8.80
C2 RSA D . -18.28 13.28 -9.81
C3 RSA D . -17.24 12.49 -10.56
C8 RSA D . -17.05 11.23 -10.01
C7 RSA D . -16.13 10.33 -10.54
C4 RSA D . -16.53 12.94 -11.67
C5 RSA D . -15.60 12.06 -12.23
C6 RSA D . -15.42 10.79 -11.66
PA FAD E . 9.20 -10.20 13.10
O1A FAD E . 8.58 -10.44 11.78
O2A FAD E . 10.72 -10.63 13.24
O5B FAD E . 8.32 -11.13 14.08
C5B FAD E . 6.93 -10.95 14.24
C4B FAD E . 6.30 -12.30 14.52
O4B FAD E . 4.95 -12.10 14.50
C3B FAD E . 6.56 -13.35 13.47
O3B FAD E . 7.22 -14.41 14.09
C2B FAD E . 5.16 -13.70 12.97
O2B FAD E . 4.90 -15.05 12.64
C1B FAD E . 4.29 -13.26 14.11
N9A FAD E . 2.92 -12.93 13.65
C8A FAD E . 2.50 -12.26 12.53
N7A FAD E . 1.14 -12.18 12.50
C5A FAD E . 0.65 -12.81 13.60
C6A FAD E . -0.65 -13.05 14.10
N6A FAD E . -1.79 -12.76 13.44
N1A FAD E . -0.76 -13.74 15.29
C2A FAD E . 0.34 -14.21 15.99
N3A FAD E . 1.62 -13.97 15.50
C4A FAD E . 1.78 -13.28 14.33
N1 FAD E . 18.00 -7.09 10.18
C2 FAD E . 19.32 -6.91 10.72
O2 FAD E . 19.46 -6.33 11.77
N3 FAD E . 20.46 -7.38 10.08
C4 FAD E . 20.36 -8.03 8.86
O4 FAD E . 21.37 -8.46 8.26
C4X FAD E . 19.04 -8.20 8.32
N5 FAD E . 18.87 -8.86 7.11
C5X FAD E . 17.56 -9.09 6.55
C6 FAD E . 17.44 -10.03 5.54
C7 FAD E . 16.25 -10.71 5.31
C7M FAD E . 16.32 -11.67 4.15
C8 FAD E . 15.09 -10.45 6.08
C8M FAD E . 13.75 -11.13 5.90
C9 FAD E . 15.19 -9.54 7.11
C9A FAD E . 16.45 -8.87 7.36
N10 FAD E . 16.60 -7.94 8.38
C10 FAD E . 17.89 -7.71 8.95
C1' FAD E . 15.38 -7.54 9.13
C2' FAD E . 15.28 -8.21 10.48
O2' FAD E . 15.29 -9.60 10.28
C3' FAD E . 14.01 -7.70 11.13
O3' FAD E . 14.13 -6.31 11.23
C4' FAD E . 13.75 -8.17 12.54
O4' FAD E . 13.80 -9.57 12.54
C5' FAD E . 12.37 -7.64 12.92
O5' FAD E . 11.69 -8.39 13.92
P FAD E . 10.29 -7.99 14.53
O1P FAD E . 10.23 -8.61 15.86
O2P FAD E . 9.95 -6.49 14.52
O3P FAD E . 9.14 -8.69 13.59
C13 RSA F . 19.58 -8.17 6.30
C12 RSA F . 19.98 -6.93 6.26
C11 RSA F . 20.76 -6.36 5.08
N10 RSA F . 21.56 -5.36 5.22
C9 RSA F . 22.09 -4.93 3.93
C1 RSA F . 23.43 -5.59 3.47
C2 RSA F . 24.13 -4.50 2.58
C3 RSA F . 23.46 -3.20 2.97
C8 RSA F . 22.31 -3.45 3.73
C7 RSA F . 21.52 -2.42 4.21
C4 RSA F . 23.90 -1.94 2.62
C5 RSA F . 23.13 -0.88 3.10
C6 RSA F . 21.96 -1.13 3.87
#